data_4WW2
#
_entry.id   4WW2
#
_cell.length_a   209.990
_cell.length_b   46.300
_cell.length_c   124.650
_cell.angle_alpha   90.00
_cell.angle_beta   122.28
_cell.angle_gamma   90.00
#
_symmetry.space_group_name_H-M   'C 1 2 1'
#
loop_
_entity.id
_entity.type
_entity.pdbx_description
1 polymer 'TCR Alpha Chain-TRAV21-TRAJ8'
2 polymer 'TCR Beta Chain-TRBV7-8'
3 polymer 'Antigen-presenting glycoprotein CD1d'
4 polymer Beta-2-microglobulin
5 non-polymer 2-acetamido-2-deoxy-beta-D-glucopyranose
6 non-polymer (15Z)-N-[(2S,3S,4R)-1-(alpha-D-galactopyranosyloxy)-3,4-dihydroxyoctadecan-2-yl]tetracos-15-enamide
7 water water
#
loop_
_entity_poly.entity_id
_entity_poly.type
_entity_poly.pdbx_seq_one_letter_code
_entity_poly.pdbx_strand_id
1 'polypeptide(L)'
;MKQEVTQIPAALSVPEGENLVLNCSFTDSAIYNLQWFRQDPGKGLTSLLLIQSSQREQTSGRLNASLDKSSGRSTLYIAA
SQPGDSATYLCAGVNTGFQKLVFGTGTRLLVSPNIQNPDPAVYQLRDSKSSDKSVCLFTDFDSQTNVSQSKDSDVYITDK
CVLDMRSMDFKSNSAVAWSNKSDFACANAFNNSIIPEDTFFPSPESS
;
A
2 'polypeptide(L)'
;MGAGVSQSPRYKVAKRGQDVALRCDPISGHVSLFWYQQALGQGPEFLTYFQNEAQLDKSGLPSDRFFAERPEGSVSTLKI
QRTQQEDSAVYLCASSSRDLEQYFGPGTRLTVTEDLKNVFPPEVAVFEPSEAEISHTQKATLVCLATGFYPDHVELSWWV
NGKEVHSGVCTDPQPLKEQPALNDSRYALSSRLRVSATFWQNPRNHFRCQVQFYGLSENDEWTQDRAKPVTQIVSAEAWG
RAD
;
B
3 'polypeptide(L)'
;SPGVPQRLFPLRCLQISSFANSSWTRTDGLAWLGELQTHSWSNDSDTVRSLKPWSQGTFSDQQWETLQHIFRVYRSSFTR
DVKEFAKMLRLSYPLELQVSAGCEVHPGNASNNFFHVAFQGKDILSFQGTSWEPTQEAPLWVNLAIQVLNQDKWTRETVQ
WLLNGTCPQFVSGLLESGKSELKKQVKPKAWLSRGPSPGPGRLLLVCHVSGFYPKPVWVKWMRGEQEQQGTQPGDILPNA
DETWYLRATLDVVAGEAAGLSCRVKHSSLEGQDIVLYWHHHHHH
;
C
4 'polypeptide(L)'
;IQRTPKIQVYSRHPAENGKSNFLNCYVSGFHPSDIEVDLLKNGERIEKVEHSDLSFSKDWSFYLLYYTEFTPTEKDEYAC
RVNHVTLSQPKIVKWDRDM
;
F
#
# COMPACT_ATOMS: atom_id res chain seq x y z
N MET A 1 8.22 10.17 4.25
CA MET A 1 9.45 9.40 4.25
C MET A 1 9.20 7.91 3.98
N LYS A 2 9.94 7.33 3.02
CA LYS A 2 9.81 5.93 2.63
C LYS A 2 10.19 4.99 3.79
N GLN A 3 9.33 4.01 4.08
CA GLN A 3 9.55 3.04 5.14
C GLN A 3 10.77 2.17 4.81
N GLU A 4 11.60 1.93 5.84
CA GLU A 4 12.80 1.10 5.77
C GLU A 4 12.77 0.15 6.97
N VAL A 5 12.63 -1.17 6.71
CA VAL A 5 12.58 -2.18 7.76
C VAL A 5 13.95 -2.87 7.80
N THR A 6 14.53 -2.94 9.01
CA THR A 6 15.86 -3.46 9.26
C THR A 6 15.79 -4.56 10.30
N GLN A 7 16.52 -5.66 10.05
CA GLN A 7 16.59 -6.78 10.98
C GLN A 7 18.03 -7.08 11.39
N ILE A 8 18.26 -7.15 12.70
CA ILE A 8 19.53 -7.48 13.33
C ILE A 8 19.29 -8.72 14.22
N PRO A 9 20.16 -9.75 14.12
CA PRO A 9 21.32 -9.88 13.24
C PRO A 9 20.88 -10.47 11.91
N ALA A 10 21.72 -10.45 10.88
CA ALA A 10 21.33 -11.05 9.61
C ALA A 10 21.26 -12.60 9.70
N ALA A 11 22.16 -13.19 10.45
CA ALA A 11 22.25 -14.63 10.62
C ALA A 11 22.59 -14.96 12.06
N LEU A 12 22.08 -16.11 12.54
CA LEU A 12 22.28 -16.56 13.92
C LEU A 12 22.25 -18.09 14.01
N SER A 13 23.38 -18.70 14.45
CA SER A 13 23.52 -20.14 14.67
C SER A 13 23.56 -20.36 16.16
N VAL A 14 22.51 -20.96 16.70
CA VAL A 14 22.34 -21.10 18.14
C VAL A 14 22.22 -22.61 18.55
N PRO A 15 22.66 -23.03 19.78
CA PRO A 15 22.45 -24.44 20.17
C PRO A 15 21.02 -24.67 20.65
N GLU A 16 20.51 -25.88 20.42
CA GLU A 16 19.17 -26.32 20.82
C GLU A 16 18.90 -26.06 22.31
N GLY A 17 17.72 -25.53 22.59
CA GLY A 17 17.28 -25.23 23.95
C GLY A 17 17.41 -23.78 24.37
N GLU A 18 18.23 -23.01 23.64
CA GLU A 18 18.51 -21.60 23.98
C GLU A 18 17.37 -20.64 23.60
N ASN A 19 17.16 -19.63 24.47
CA ASN A 19 16.18 -18.55 24.32
C ASN A 19 16.81 -17.44 23.51
N LEU A 20 16.41 -17.32 22.26
CA LEU A 20 16.96 -16.34 21.32
C LEU A 20 16.02 -15.13 21.11
N VAL A 21 16.61 -13.99 20.71
CA VAL A 21 15.96 -12.70 20.49
C VAL A 21 16.24 -12.22 19.06
N LEU A 22 15.19 -11.91 18.28
CA LEU A 22 15.33 -11.41 16.91
C LEU A 22 14.86 -9.97 16.87
N ASN A 23 15.67 -9.06 16.32
CA ASN A 23 15.35 -7.64 16.31
C ASN A 23 14.87 -7.12 14.97
N CYS A 24 13.97 -6.14 15.03
CA CYS A 24 13.36 -5.47 13.87
C CYS A 24 13.22 -4.01 14.20
N SER A 25 13.72 -3.17 13.30
CA SER A 25 13.59 -1.72 13.45
C SER A 25 12.97 -1.12 12.18
N PHE A 26 12.20 -0.07 12.36
CA PHE A 26 11.54 0.61 11.26
C PHE A 26 11.59 2.10 11.52
N THR A 27 11.83 2.87 10.45
CA THR A 27 12.00 4.33 10.48
C THR A 27 10.66 5.11 10.61
N ASP A 28 9.55 4.56 10.09
CA ASP A 28 8.21 5.16 10.11
C ASP A 28 7.33 4.46 11.16
N SER A 29 7.06 5.19 12.25
CA SER A 29 6.30 4.73 13.41
C SER A 29 4.78 4.70 13.20
N ALA A 30 4.27 5.26 12.09
CA ALA A 30 2.82 5.24 11.80
C ALA A 30 2.47 3.86 11.22
N ILE A 31 2.43 2.86 12.10
CA ILE A 31 2.21 1.44 11.77
C ILE A 31 0.76 1.05 11.97
N TYR A 32 0.19 0.31 10.99
CA TYR A 32 -1.15 -0.21 11.10
C TYR A 32 -1.03 -1.57 11.78
N ASN A 33 -0.14 -2.42 11.26
CA ASN A 33 0.15 -3.70 11.91
C ASN A 33 1.56 -4.17 11.58
N LEU A 34 2.06 -5.09 12.37
CA LEU A 34 3.38 -5.67 12.19
C LEU A 34 3.21 -7.16 12.14
N GLN A 35 3.74 -7.78 11.08
CA GLN A 35 3.62 -9.21 10.83
C GLN A 35 5.01 -9.85 10.78
N TRP A 36 5.17 -10.96 11.53
CA TRP A 36 6.37 -11.79 11.55
C TRP A 36 6.08 -13.06 10.78
N PHE A 37 6.99 -13.41 9.88
CA PHE A 37 6.91 -14.57 9.03
C PHE A 37 8.14 -15.45 9.19
N ARG A 38 7.96 -16.68 8.76
CA ARG A 38 8.89 -17.77 8.70
C ARG A 38 8.97 -18.22 7.25
N GLN A 39 10.18 -18.36 6.72
CA GLN A 39 10.33 -18.80 5.34
C GLN A 39 11.38 -19.91 5.22
N ASP A 40 10.97 -21.02 4.62
CA ASP A 40 11.87 -22.16 4.41
C ASP A 40 12.39 -22.12 2.96
N PRO A 41 13.65 -22.57 2.69
CA PRO A 41 14.19 -22.46 1.32
C PRO A 41 13.44 -23.37 0.33
N GLY A 42 13.11 -22.84 -0.85
CA GLY A 42 13.45 -21.49 -1.30
C GLY A 42 12.28 -20.53 -1.47
N LYS A 43 11.04 -20.96 -1.12
CA LYS A 43 9.85 -20.09 -1.24
C LYS A 43 8.72 -20.45 -0.23
N GLY A 44 7.77 -19.52 -0.06
CA GLY A 44 6.58 -19.65 0.80
C GLY A 44 6.68 -19.03 2.17
N LEU A 45 5.83 -18.01 2.45
CA LEU A 45 5.81 -17.33 3.75
C LEU A 45 4.78 -17.92 4.72
N THR A 46 5.22 -18.30 5.92
CA THR A 46 4.31 -18.81 6.96
C THR A 46 4.10 -17.72 7.99
N SER A 47 2.85 -17.28 8.15
CA SER A 47 2.48 -16.25 9.11
C SER A 47 2.72 -16.78 10.52
N LEU A 48 3.46 -16.03 11.35
CA LEU A 48 3.74 -16.46 12.71
C LEU A 48 2.90 -15.68 13.70
N LEU A 49 3.09 -14.35 13.75
CA LEU A 49 2.37 -13.46 14.65
C LEU A 49 2.07 -12.12 14.00
N LEU A 50 0.97 -11.51 14.41
CA LEU A 50 0.56 -10.21 13.93
C LEU A 50 0.30 -9.34 15.15
N ILE A 51 0.97 -8.20 15.23
CA ILE A 51 0.77 -7.27 16.32
C ILE A 51 0.03 -6.08 15.72
N GLN A 52 -1.10 -5.72 16.33
CA GLN A 52 -1.92 -4.59 15.90
C GLN A 52 -1.34 -3.31 16.50
N SER A 53 -1.60 -2.15 15.87
CA SER A 53 -1.09 -0.83 16.31
C SER A 53 -1.34 -0.55 17.81
N SER A 54 -2.55 -0.90 18.31
CA SER A 54 -2.94 -0.71 19.71
C SER A 54 -2.21 -1.69 20.63
N GLN A 55 -1.99 -2.93 20.17
CA GLN A 55 -1.33 -4.02 20.89
C GLN A 55 0.15 -3.73 21.17
N ARG A 56 0.66 -4.27 22.28
CA ARG A 56 2.05 -4.11 22.69
C ARG A 56 2.80 -5.44 22.63
N GLU A 57 2.07 -6.55 22.75
CA GLU A 57 2.62 -7.89 22.84
C GLU A 57 1.66 -8.92 22.23
N GLN A 58 2.22 -9.99 21.65
CA GLN A 58 1.48 -11.15 21.12
C GLN A 58 2.29 -12.41 21.34
N THR A 59 1.64 -13.46 21.85
CA THR A 59 2.22 -14.76 22.16
C THR A 59 1.47 -15.87 21.39
N SER A 60 2.16 -16.98 21.07
CA SER A 60 1.66 -18.18 20.39
C SER A 60 2.74 -19.22 20.39
N GLY A 61 2.56 -20.21 21.26
CA GLY A 61 3.53 -21.27 21.49
C GLY A 61 4.74 -20.71 22.20
N ARG A 62 5.93 -21.00 21.63
CA ARG A 62 7.22 -20.56 22.15
C ARG A 62 7.59 -19.17 21.64
N LEU A 63 6.70 -18.56 20.84
CA LEU A 63 6.89 -17.25 20.25
C LEU A 63 6.21 -16.16 21.03
N ASN A 64 6.89 -15.05 21.18
CA ASN A 64 6.40 -13.84 21.79
C ASN A 64 6.92 -12.70 20.95
N ALA A 65 6.04 -11.78 20.53
CA ALA A 65 6.51 -10.68 19.71
C ALA A 65 5.97 -9.37 20.25
N SER A 66 6.88 -8.45 20.57
CA SER A 66 6.53 -7.13 21.09
C SER A 66 6.64 -6.06 20.02
N LEU A 67 5.89 -4.95 20.21
CA LEU A 67 5.92 -3.81 19.32
C LEU A 67 6.01 -2.53 20.14
N ASP A 68 6.94 -1.67 19.73
CA ASP A 68 7.16 -0.34 20.30
C ASP A 68 7.27 0.65 19.18
N LYS A 69 6.13 1.26 18.83
CA LYS A 69 6.03 2.28 17.77
C LYS A 69 6.92 3.49 18.06
N SER A 70 6.93 4.01 19.31
CA SER A 70 7.71 5.18 19.71
C SER A 70 9.22 5.01 19.48
N SER A 71 9.77 3.79 19.67
CA SER A 71 11.21 3.55 19.44
C SER A 71 11.43 2.96 18.04
N GLY A 72 10.33 2.71 17.31
CA GLY A 72 10.32 2.11 15.99
C GLY A 72 10.93 0.72 16.02
N ARG A 73 10.48 -0.09 17.00
CA ARG A 73 11.04 -1.40 17.22
C ARG A 73 10.01 -2.53 17.43
N SER A 74 10.40 -3.71 16.99
CA SER A 74 9.69 -4.97 17.18
C SER A 74 10.70 -6.05 17.45
N THR A 75 10.37 -6.90 18.42
CA THR A 75 11.21 -8.00 18.82
C THR A 75 10.45 -9.31 18.72
N LEU A 76 11.10 -10.35 18.18
CA LEU A 76 10.54 -11.69 18.18
C LEU A 76 11.40 -12.54 19.11
N TYR A 77 10.83 -13.03 20.21
CA TYR A 77 11.51 -13.92 21.16
C TYR A 77 11.09 -15.34 20.88
N ILE A 78 12.08 -16.26 20.73
CA ILE A 78 11.84 -17.67 20.55
C ILE A 78 12.31 -18.37 21.81
N ALA A 79 11.41 -19.05 22.51
CA ALA A 79 11.73 -19.77 23.73
C ALA A 79 12.17 -21.17 23.38
N ALA A 80 13.09 -21.73 24.20
CA ALA A 80 13.64 -23.08 24.10
C ALA A 80 13.72 -23.56 22.67
N SER A 81 14.47 -22.82 21.83
CA SER A 81 14.61 -23.12 20.41
C SER A 81 14.91 -24.60 20.16
N GLN A 82 14.27 -25.13 19.10
CA GLN A 82 14.39 -26.50 18.61
C GLN A 82 14.98 -26.49 17.21
N PRO A 83 15.62 -27.59 16.71
CA PRO A 83 16.13 -27.55 15.32
C PRO A 83 15.07 -27.20 14.26
N GLY A 84 13.81 -27.55 14.50
CA GLY A 84 12.68 -27.28 13.62
C GLY A 84 12.39 -25.81 13.34
N ASP A 85 12.81 -24.91 14.27
CA ASP A 85 12.70 -23.45 14.15
C ASP A 85 13.66 -22.91 13.06
N SER A 86 14.74 -23.66 12.72
CA SER A 86 15.74 -23.27 11.70
C SER A 86 15.07 -22.84 10.38
N ALA A 87 15.10 -21.51 10.11
CA ALA A 87 14.51 -20.87 8.93
C ALA A 87 14.95 -19.40 8.86
N THR A 88 14.40 -18.67 7.87
CA THR A 88 14.58 -17.24 7.73
C THR A 88 13.36 -16.59 8.30
N TYR A 89 13.56 -15.67 9.24
CA TYR A 89 12.48 -14.97 9.92
C TYR A 89 12.41 -13.57 9.43
N LEU A 90 11.25 -13.21 8.93
CA LEU A 90 11.01 -11.89 8.36
C LEU A 90 10.00 -11.11 9.16
N CYS A 91 10.30 -9.83 9.29
CA CYS A 91 9.50 -8.82 9.95
CA CYS A 91 9.42 -8.87 9.92
C CYS A 91 9.00 -7.88 8.86
N ALA A 92 7.74 -7.55 8.87
CA ALA A 92 7.17 -6.63 7.90
C ALA A 92 6.09 -5.77 8.54
N GLY A 93 5.90 -4.57 8.00
CA GLY A 93 4.88 -3.67 8.49
C GLY A 93 4.01 -3.06 7.41
N VAL A 94 2.75 -2.78 7.77
CA VAL A 94 1.74 -2.05 6.99
C VAL A 94 1.63 -0.68 7.66
N ASN A 95 1.81 0.41 6.89
CA ASN A 95 1.67 1.78 7.43
C ASN A 95 0.20 2.22 7.37
N THR A 96 -0.17 3.15 8.28
CA THR A 96 -1.51 3.71 8.53
C THR A 96 -2.40 3.93 7.26
N GLY A 97 -1.92 4.64 6.25
CA GLY A 97 -2.81 4.79 5.10
C GLY A 97 -2.42 3.91 3.93
N PHE A 98 -1.69 2.83 4.21
CA PHE A 98 -1.14 1.92 3.21
C PHE A 98 -1.70 0.53 3.34
N GLN A 99 -1.42 -0.29 2.32
CA GLN A 99 -1.92 -1.67 2.20
C GLN A 99 -0.79 -2.67 2.16
N LYS A 100 0.29 -2.31 1.44
CA LYS A 100 1.47 -3.14 1.23
C LYS A 100 2.27 -3.36 2.51
N LEU A 101 2.87 -4.54 2.60
CA LEU A 101 3.84 -4.92 3.62
C LEU A 101 5.19 -4.46 3.14
N VAL A 102 5.96 -3.78 4.01
CA VAL A 102 7.34 -3.39 3.74
C VAL A 102 8.18 -4.37 4.60
N PHE A 103 9.05 -5.17 3.98
CA PHE A 103 9.80 -6.22 4.67
C PHE A 103 11.23 -5.89 4.97
N GLY A 104 11.74 -6.53 6.02
CA GLY A 104 13.16 -6.51 6.38
C GLY A 104 13.89 -7.48 5.47
N THR A 105 15.19 -7.67 5.64
CA THR A 105 15.89 -8.63 4.78
C THR A 105 15.82 -10.05 5.41
N GLY A 106 15.60 -10.11 6.72
CA GLY A 106 15.46 -11.37 7.43
C GLY A 106 16.64 -11.83 8.26
N THR A 107 16.34 -12.66 9.26
CA THR A 107 17.36 -13.29 10.09
C THR A 107 17.43 -14.78 9.71
N ARG A 108 18.57 -15.22 9.19
CA ARG A 108 18.77 -16.66 8.91
C ARG A 108 19.13 -17.34 10.23
N LEU A 109 18.16 -18.02 10.83
CA LEU A 109 18.30 -18.73 12.10
C LEU A 109 18.60 -20.19 11.89
N LEU A 110 19.69 -20.68 12.50
CA LEU A 110 20.02 -22.10 12.50
C LEU A 110 20.12 -22.60 13.94
N VAL A 111 19.28 -23.56 14.29
CA VAL A 111 19.27 -24.17 15.62
C VAL A 111 19.85 -25.59 15.46
N SER A 112 21.11 -25.79 15.87
CA SER A 112 21.81 -27.08 15.75
C SER A 112 21.41 -28.02 16.91
N PRO A 113 21.24 -29.34 16.65
CA PRO A 113 20.78 -30.24 17.73
C PRO A 113 21.84 -30.54 18.78
N ASN A 114 21.39 -30.93 19.96
CA ASN A 114 22.31 -31.30 21.04
C ASN A 114 22.66 -32.80 20.89
N ILE A 115 23.86 -33.08 20.35
CA ILE A 115 24.35 -34.44 20.11
C ILE A 115 24.99 -34.94 21.38
N GLN A 116 24.22 -35.75 22.13
CA GLN A 116 24.63 -36.27 23.43
C GLN A 116 25.75 -37.33 23.34
N ASN A 117 25.74 -38.18 22.31
CA ASN A 117 26.79 -39.20 22.22
C ASN A 117 27.50 -39.17 20.83
N PRO A 118 28.45 -38.23 20.61
CA PRO A 118 29.12 -38.16 19.30
C PRO A 118 29.96 -39.39 18.98
N ASP A 119 29.97 -39.77 17.71
CA ASP A 119 30.72 -40.90 17.19
C ASP A 119 31.26 -40.53 15.79
N PRO A 120 32.07 -39.44 15.66
CA PRO A 120 32.56 -39.02 14.33
C PRO A 120 33.18 -40.15 13.51
N ALA A 121 32.76 -40.21 12.25
CA ALA A 121 33.21 -41.25 11.34
C ALA A 121 32.94 -40.87 9.91
N VAL A 122 33.81 -41.34 9.00
CA VAL A 122 33.72 -41.14 7.56
C VAL A 122 33.62 -42.54 6.93
N TYR A 123 32.49 -42.81 6.27
CA TYR A 123 32.15 -44.09 5.62
C TYR A 123 32.05 -43.97 4.12
N GLN A 124 32.49 -45.01 3.40
CA GLN A 124 32.35 -45.08 1.94
C GLN A 124 31.09 -45.87 1.61
N LEU A 125 30.24 -45.29 0.78
CA LEU A 125 28.98 -45.89 0.40
C LEU A 125 29.00 -46.19 -1.07
N ARG A 126 28.78 -47.46 -1.46
CA ARG A 126 28.77 -47.85 -2.86
C ARG A 126 27.35 -47.75 -3.44
N ASP A 127 27.25 -47.33 -4.71
CA ASP A 127 26.02 -47.20 -5.48
C ASP A 127 25.32 -48.56 -5.63
N SER A 128 23.98 -48.58 -5.57
CA SER A 128 23.21 -49.82 -5.74
C SER A 128 23.31 -50.34 -7.17
N LYS A 129 23.28 -49.44 -8.18
CA LYS A 129 23.37 -49.76 -9.61
C LYS A 129 24.76 -50.29 -10.02
N SER A 130 25.87 -49.65 -9.55
CA SER A 130 27.24 -50.03 -9.92
C SER A 130 28.25 -49.91 -8.76
N SER A 131 29.32 -50.75 -8.79
CA SER A 131 30.38 -50.77 -7.79
C SER A 131 31.42 -49.65 -8.01
N ASP A 132 31.46 -49.08 -9.24
CA ASP A 132 32.37 -48.02 -9.68
C ASP A 132 32.15 -46.70 -8.92
N LYS A 133 30.88 -46.26 -8.82
CA LYS A 133 30.50 -45.00 -8.18
C LYS A 133 30.31 -45.18 -6.68
N SER A 134 30.75 -44.17 -5.89
CA SER A 134 30.67 -44.15 -4.42
C SER A 134 30.69 -42.73 -3.83
N VAL A 135 30.16 -42.58 -2.59
CA VAL A 135 30.15 -41.31 -1.86
C VAL A 135 30.81 -41.50 -0.49
N CYS A 136 31.24 -40.39 0.12
CA CYS A 136 31.82 -40.38 1.44
C CYS A 136 30.84 -39.71 2.36
N LEU A 137 30.51 -40.37 3.48
CA LEU A 137 29.57 -39.82 4.44
C LEU A 137 30.25 -39.56 5.80
N PHE A 138 30.39 -38.27 6.15
CA PHE A 138 30.91 -37.87 7.44
C PHE A 138 29.69 -37.73 8.32
N THR A 139 29.62 -38.51 9.41
CA THR A 139 28.43 -38.50 10.26
C THR A 139 28.79 -38.66 11.75
N ASP A 140 27.76 -38.51 12.60
CA ASP A 140 27.70 -38.67 14.05
C ASP A 140 28.65 -37.70 14.78
N PHE A 141 28.96 -36.58 14.13
CA PHE A 141 29.76 -35.51 14.73
C PHE A 141 28.84 -34.55 15.48
N ASP A 142 29.35 -34.00 16.59
CA ASP A 142 28.69 -32.99 17.44
C ASP A 142 28.47 -31.70 16.66
N SER A 143 27.58 -30.85 17.14
CA SER A 143 27.22 -29.59 16.46
C SER A 143 28.32 -28.50 16.52
N GLN A 144 29.37 -28.68 17.35
CA GLN A 144 30.48 -27.73 17.43
C GLN A 144 31.43 -27.93 16.21
N THR A 145 31.27 -29.05 15.47
CA THR A 145 32.03 -29.40 14.27
C THR A 145 31.41 -28.70 13.07
N ASN A 146 32.25 -27.98 12.29
CA ASN A 146 31.81 -27.29 11.07
C ASN A 146 32.49 -27.91 9.86
N VAL A 147 31.67 -28.24 8.84
CA VAL A 147 32.12 -28.84 7.60
C VAL A 147 32.42 -27.74 6.58
N SER A 148 33.66 -27.73 6.09
CA SER A 148 34.15 -26.75 5.13
C SER A 148 34.04 -27.26 3.68
N GLN A 149 33.82 -26.34 2.72
CA GLN A 149 33.74 -26.65 1.29
C GLN A 149 35.13 -27.09 0.77
N SER A 150 35.18 -27.77 -0.39
CA SER A 150 36.43 -28.29 -0.94
C SER A 150 37.25 -27.25 -1.70
N LYS A 151 38.59 -27.29 -1.50
CA LYS A 151 39.57 -26.43 -2.17
C LYS A 151 39.67 -26.81 -3.65
N ASP A 152 39.66 -28.13 -3.95
CA ASP A 152 39.68 -28.67 -5.31
C ASP A 152 38.32 -28.47 -5.97
N SER A 153 38.31 -28.14 -7.26
CA SER A 153 37.11 -27.86 -8.04
C SER A 153 36.26 -29.11 -8.33
N ASP A 154 36.94 -30.27 -8.62
CA ASP A 154 36.31 -31.55 -8.99
C ASP A 154 35.76 -32.35 -7.80
N VAL A 155 35.93 -31.86 -6.55
CA VAL A 155 35.41 -32.50 -5.33
C VAL A 155 34.25 -31.65 -4.80
N TYR A 156 33.09 -32.29 -4.52
CA TYR A 156 31.87 -31.62 -4.06
C TYR A 156 31.56 -32.03 -2.62
N ILE A 157 31.29 -31.05 -1.75
CA ILE A 157 30.98 -31.26 -0.32
C ILE A 157 29.68 -30.51 0.01
N THR A 158 28.75 -31.16 0.74
CA THR A 158 27.48 -30.54 1.17
C THR A 158 27.65 -29.93 2.58
N ASP A 159 26.75 -29.02 2.95
CA ASP A 159 26.78 -28.46 4.30
C ASP A 159 26.18 -29.52 5.27
N LYS A 160 26.41 -29.39 6.58
CA LYS A 160 25.88 -30.37 7.51
C LYS A 160 24.34 -30.34 7.53
N CYS A 161 23.73 -31.53 7.66
CA CYS A 161 22.28 -31.76 7.72
C CYS A 161 21.94 -32.60 8.98
N VAL A 162 20.77 -32.32 9.59
CA VAL A 162 20.27 -32.92 10.84
C VAL A 162 19.07 -33.84 10.61
N LEU A 163 19.21 -35.13 10.97
CA LEU A 163 18.12 -36.09 10.91
C LEU A 163 17.72 -36.55 12.33
N ASP A 164 16.42 -36.78 12.52
CA ASP A 164 15.92 -37.23 13.82
C ASP A 164 15.16 -38.54 13.64
N MET A 165 15.66 -39.59 14.30
CA MET A 165 15.04 -40.90 14.34
C MET A 165 14.07 -40.90 15.53
N ARG A 166 12.91 -40.24 15.34
CA ARG A 166 11.84 -40.00 16.32
C ARG A 166 11.42 -41.26 17.08
N SER A 167 11.45 -42.43 16.42
CA SER A 167 11.09 -43.73 17.01
C SER A 167 12.11 -44.17 18.08
N MET A 168 13.37 -43.71 17.97
CA MET A 168 14.47 -44.03 18.87
C MET A 168 14.94 -42.80 19.69
N ASP A 169 14.41 -41.58 19.37
CA ASP A 169 14.71 -40.26 19.97
C ASP A 169 16.06 -39.69 19.45
N PHE A 170 16.92 -40.58 18.88
CA PHE A 170 18.25 -40.32 18.32
C PHE A 170 18.25 -39.20 17.24
N LYS A 171 19.16 -38.22 17.42
CA LYS A 171 19.39 -37.12 16.48
C LYS A 171 20.79 -37.30 15.87
N SER A 172 20.98 -36.91 14.59
CA SER A 172 22.25 -37.14 13.89
C SER A 172 22.59 -36.04 12.89
N ASN A 173 23.88 -35.69 12.83
CA ASN A 173 24.48 -34.75 11.88
C ASN A 173 25.23 -35.53 10.80
N SER A 174 25.28 -34.98 9.57
CA SER A 174 25.98 -35.61 8.44
C SER A 174 26.31 -34.63 7.33
N ALA A 175 27.35 -34.97 6.56
CA ALA A 175 27.83 -34.27 5.37
C ALA A 175 28.28 -35.32 4.36
N VAL A 176 27.98 -35.09 3.09
CA VAL A 176 28.32 -36.03 2.02
C VAL A 176 29.39 -35.35 1.14
N ALA A 177 30.33 -36.15 0.63
CA ALA A 177 31.39 -35.71 -0.28
C ALA A 177 31.55 -36.71 -1.39
N TRP A 178 31.79 -36.22 -2.61
CA TRP A 178 32.01 -37.07 -3.79
C TRP A 178 32.82 -36.31 -4.83
N SER A 179 33.37 -37.05 -5.80
CA SER A 179 34.18 -36.56 -6.92
C SER A 179 34.18 -37.58 -8.05
N ASN A 180 34.66 -37.18 -9.24
CA ASN A 180 34.82 -38.05 -10.40
C ASN A 180 36.32 -38.38 -10.60
N LYS A 181 37.20 -37.80 -9.75
CA LYS A 181 38.65 -37.98 -9.77
C LYS A 181 39.05 -39.41 -9.35
N SER A 182 40.15 -39.93 -9.96
CA SER A 182 40.68 -41.26 -9.69
C SER A 182 41.43 -41.33 -8.35
N ASP A 183 42.06 -40.20 -7.94
CA ASP A 183 42.83 -40.06 -6.69
C ASP A 183 41.94 -39.68 -5.48
N PHE A 184 40.61 -39.68 -5.67
CA PHE A 184 39.68 -39.30 -4.61
C PHE A 184 39.47 -40.44 -3.61
N ALA A 185 39.88 -40.20 -2.36
CA ALA A 185 39.74 -41.12 -1.22
C ALA A 185 38.94 -40.45 -0.10
N CYS A 186 38.12 -41.26 0.61
CA CYS A 186 37.26 -40.81 1.72
C CYS A 186 38.09 -40.30 2.91
N ALA A 187 39.33 -40.81 3.09
CA ALA A 187 40.24 -40.37 4.14
C ALA A 187 40.68 -38.91 3.90
N ASN A 188 40.94 -38.55 2.62
CA ASN A 188 41.37 -37.23 2.19
C ASN A 188 40.19 -36.31 1.81
N ALA A 189 38.95 -36.83 1.88
CA ALA A 189 37.72 -36.13 1.48
C ALA A 189 37.44 -34.87 2.29
N PHE A 190 37.54 -34.94 3.63
CA PHE A 190 37.21 -33.81 4.49
C PHE A 190 38.49 -33.19 5.09
N ASN A 191 39.56 -33.11 4.27
CA ASN A 191 40.87 -32.54 4.64
C ASN A 191 40.82 -31.01 4.83
N ASN A 192 39.93 -30.32 4.08
CA ASN A 192 39.74 -28.86 4.13
C ASN A 192 38.94 -28.44 5.39
N SER A 193 38.24 -29.40 6.02
CA SER A 193 37.44 -29.19 7.23
C SER A 193 38.23 -29.59 8.48
N ILE A 194 37.93 -28.95 9.64
CA ILE A 194 38.56 -29.28 10.92
C ILE A 194 37.63 -30.32 11.58
N ILE A 195 37.87 -31.59 11.22
CA ILE A 195 37.13 -32.77 11.68
C ILE A 195 37.64 -33.21 13.07
N PRO A 196 36.82 -33.91 13.91
CA PRO A 196 37.31 -34.34 15.24
C PRO A 196 38.54 -35.24 15.21
N GLU A 197 39.37 -35.15 16.26
CA GLU A 197 40.60 -35.92 16.40
C GLU A 197 40.32 -37.43 16.45
N ASP A 198 39.14 -37.84 16.95
CA ASP A 198 38.74 -39.24 17.09
C ASP A 198 37.85 -39.72 15.90
N THR A 199 38.03 -39.15 14.69
CA THR A 199 37.25 -39.54 13.52
C THR A 199 37.68 -40.93 13.05
N PHE A 200 36.68 -41.79 12.79
CA PHE A 200 36.85 -43.18 12.38
C PHE A 200 36.84 -43.33 10.84
N PHE A 201 37.88 -44.00 10.31
CA PHE A 201 38.06 -44.28 8.89
C PHE A 201 38.31 -45.80 8.68
N PRO A 202 37.34 -46.56 8.11
CA PRO A 202 37.55 -48.00 7.91
C PRO A 202 38.40 -48.30 6.67
N SER A 203 39.13 -49.43 6.69
CA SER A 203 40.00 -49.87 5.59
C SER A 203 39.17 -50.51 4.47
N MET B 1 -0.75 -24.83 3.87
CA MET B 1 -2.08 -24.96 4.47
C MET B 1 -3.11 -25.55 3.46
N GLY B 2 -4.17 -26.15 4.00
CA GLY B 2 -5.24 -26.79 3.23
C GLY B 2 -6.10 -25.87 2.39
N ALA B 3 -6.62 -24.77 3.01
CA ALA B 3 -7.50 -23.79 2.37
C ALA B 3 -6.84 -22.38 2.26
N GLY B 4 -5.73 -22.31 1.51
CA GLY B 4 -4.97 -21.08 1.31
C GLY B 4 -4.88 -20.57 -0.11
N VAL B 5 -3.90 -19.69 -0.35
CA VAL B 5 -3.66 -19.08 -1.67
C VAL B 5 -2.95 -20.09 -2.60
N SER B 6 -3.40 -20.18 -3.86
CA SER B 6 -2.73 -21.04 -4.84
C SER B 6 -2.00 -20.17 -5.87
N GLN B 7 -0.87 -20.66 -6.38
CA GLN B 7 -0.08 -20.01 -7.41
C GLN B 7 0.34 -21.03 -8.43
N SER B 8 0.39 -20.62 -9.71
CA SER B 8 0.80 -21.50 -10.80
C SER B 8 1.43 -20.66 -11.94
N PRO B 9 2.48 -21.15 -12.63
CA PRO B 9 3.20 -22.43 -12.38
C PRO B 9 3.99 -22.34 -11.08
N ARG B 10 4.21 -23.46 -10.37
CA ARG B 10 5.02 -23.37 -9.15
C ARG B 10 6.49 -23.10 -9.49
N TYR B 11 6.94 -23.64 -10.64
CA TYR B 11 8.28 -23.46 -11.18
C TYR B 11 8.14 -23.13 -12.63
N LYS B 12 8.94 -22.19 -13.07
CA LYS B 12 8.95 -21.77 -14.46
C LYS B 12 10.37 -21.51 -14.86
N VAL B 13 10.79 -22.13 -15.96
CA VAL B 13 12.08 -21.89 -16.57
C VAL B 13 11.75 -21.29 -17.93
N ALA B 14 12.19 -20.05 -18.13
CA ALA B 14 11.91 -19.31 -19.36
C ALA B 14 13.19 -18.88 -20.06
N LYS B 15 13.14 -18.87 -21.39
CA LYS B 15 14.22 -18.41 -22.24
C LYS B 15 14.19 -16.88 -22.29
N ARG B 16 15.37 -16.24 -22.15
CA ARG B 16 15.59 -14.78 -22.26
C ARG B 16 14.82 -14.21 -23.47
N GLY B 17 14.04 -13.17 -23.23
CA GLY B 17 13.23 -12.54 -24.27
C GLY B 17 11.81 -13.06 -24.35
N GLN B 18 11.54 -14.27 -23.84
CA GLN B 18 10.19 -14.84 -23.86
C GLN B 18 9.26 -14.12 -22.87
N ASP B 19 7.96 -14.23 -23.13
CA ASP B 19 6.88 -13.68 -22.33
C ASP B 19 6.47 -14.72 -21.31
N VAL B 20 6.24 -14.31 -20.06
CA VAL B 20 5.76 -15.28 -19.05
C VAL B 20 4.50 -14.72 -18.38
N ALA B 21 3.59 -15.63 -18.01
CA ALA B 21 2.33 -15.30 -17.33
C ALA B 21 2.25 -16.10 -16.02
N LEU B 22 2.01 -15.40 -14.91
CA LEU B 22 1.93 -16.05 -13.60
C LEU B 22 0.55 -15.85 -13.05
N ARG B 23 -0.03 -16.92 -12.51
CA ARG B 23 -1.40 -16.94 -12.00
C ARG B 23 -1.44 -17.05 -10.48
N CYS B 24 -2.41 -16.35 -9.89
CA CYS B 24 -2.68 -16.40 -8.48
C CYS B 24 -4.14 -16.57 -8.23
N ASP B 25 -4.48 -17.63 -7.48
N ASP B 25 -4.49 -17.63 -7.48
CA ASP B 25 -5.84 -17.94 -7.06
CA ASP B 25 -5.86 -17.92 -7.08
C ASP B 25 -5.94 -17.59 -5.58
C ASP B 25 -5.94 -17.59 -5.58
N PRO B 26 -6.46 -16.40 -5.22
CA PRO B 26 -6.50 -16.00 -3.78
C PRO B 26 -7.51 -16.81 -2.96
N ILE B 27 -7.53 -16.59 -1.62
CA ILE B 27 -8.48 -17.23 -0.71
C ILE B 27 -9.83 -16.67 -1.07
N SER B 28 -10.84 -17.55 -1.18
CA SER B 28 -12.21 -17.20 -1.56
C SER B 28 -12.77 -16.07 -0.68
N GLY B 29 -13.30 -15.06 -1.36
CA GLY B 29 -13.89 -13.90 -0.73
C GLY B 29 -12.94 -12.79 -0.35
N HIS B 30 -11.60 -13.01 -0.46
CA HIS B 30 -10.62 -11.99 -0.11
C HIS B 30 -10.60 -10.83 -1.12
N VAL B 31 -11.02 -9.66 -0.65
CA VAL B 31 -11.16 -8.43 -1.43
C VAL B 31 -9.81 -7.91 -1.92
N SER B 32 -8.74 -8.17 -1.16
CA SER B 32 -7.40 -7.66 -1.39
C SER B 32 -6.46 -8.72 -1.95
N LEU B 33 -5.67 -8.32 -2.96
CA LEU B 33 -4.67 -9.17 -3.59
C LEU B 33 -3.39 -8.36 -3.75
N PHE B 34 -2.27 -9.01 -3.47
CA PHE B 34 -0.95 -8.40 -3.51
C PHE B 34 0.01 -9.27 -4.25
N TRP B 35 0.91 -8.65 -5.00
CA TRP B 35 2.02 -9.32 -5.64
C TRP B 35 3.31 -8.79 -5.02
N TYR B 36 4.26 -9.70 -4.76
CA TYR B 36 5.56 -9.41 -4.24
C TYR B 36 6.59 -10.09 -5.07
N GLN B 37 7.81 -9.53 -5.07
CA GLN B 37 8.99 -10.08 -5.74
C GLN B 37 10.03 -10.36 -4.67
N GLN B 38 10.62 -11.55 -4.69
CA GLN B 38 11.66 -11.86 -3.73
C GLN B 38 12.95 -12.33 -4.46
N ALA B 39 13.99 -11.51 -4.43
CA ALA B 39 15.30 -11.88 -4.98
C ALA B 39 16.04 -12.83 -4.01
N LEU B 40 16.99 -13.64 -4.52
CA LEU B 40 17.81 -14.60 -3.75
C LEU B 40 18.50 -13.87 -2.57
N GLY B 41 18.30 -14.40 -1.38
CA GLY B 41 18.86 -13.85 -0.14
C GLY B 41 18.46 -12.41 0.10
N GLN B 42 17.17 -12.11 -0.12
CA GLN B 42 16.58 -10.79 0.05
C GLN B 42 15.13 -10.93 0.52
N GLY B 43 14.63 -9.89 1.17
CA GLY B 43 13.25 -9.89 1.64
C GLY B 43 12.26 -9.63 0.51
N PRO B 44 10.98 -10.04 0.66
CA PRO B 44 10.00 -9.78 -0.41
C PRO B 44 9.77 -8.27 -0.58
N GLU B 45 9.62 -7.85 -1.84
CA GLU B 45 9.42 -6.48 -2.28
C GLU B 45 8.11 -6.36 -3.03
N PHE B 46 7.25 -5.46 -2.59
CA PHE B 46 5.91 -5.21 -3.13
C PHE B 46 5.92 -4.84 -4.61
N LEU B 47 5.01 -5.47 -5.37
CA LEU B 47 4.89 -5.20 -6.80
C LEU B 47 3.63 -4.33 -7.10
N THR B 48 2.44 -4.89 -6.83
CA THR B 48 1.15 -4.24 -7.11
C THR B 48 0.06 -4.76 -6.15
N TYR B 49 -1.01 -3.97 -6.01
CA TYR B 49 -2.13 -4.22 -5.11
C TYR B 49 -3.47 -4.08 -5.82
N PHE B 50 -4.38 -5.02 -5.56
CA PHE B 50 -5.73 -5.02 -6.06
C PHE B 50 -6.71 -5.06 -4.92
N GLN B 51 -7.73 -4.19 -5.00
CA GLN B 51 -8.88 -4.09 -4.11
C GLN B 51 -10.03 -4.33 -5.06
N ASN B 52 -10.65 -5.52 -4.98
CA ASN B 52 -11.65 -6.02 -5.94
C ASN B 52 -10.90 -6.14 -7.30
N GLU B 53 -11.42 -5.54 -8.39
CA GLU B 53 -10.81 -5.59 -9.72
C GLU B 53 -9.81 -4.43 -9.98
N ALA B 54 -9.81 -3.36 -9.13
CA ALA B 54 -9.00 -2.15 -9.30
C ALA B 54 -7.56 -2.27 -8.73
N GLN B 55 -6.58 -1.91 -9.58
CA GLN B 55 -5.15 -1.93 -9.30
C GLN B 55 -4.80 -0.57 -8.71
N LEU B 56 -5.05 -0.42 -7.41
CA LEU B 56 -4.96 0.85 -6.71
C LEU B 56 -3.56 1.27 -6.27
N ASP B 57 -2.58 0.34 -6.31
CA ASP B 57 -1.20 0.64 -5.98
C ASP B 57 -0.29 -0.18 -6.89
N LYS B 58 0.32 0.46 -7.89
CA LYS B 58 1.22 -0.15 -8.88
C LYS B 58 2.64 0.38 -8.73
N SER B 59 2.96 1.00 -7.58
CA SER B 59 4.26 1.64 -7.34
C SER B 59 5.45 0.69 -7.40
N GLY B 60 5.27 -0.56 -7.00
CA GLY B 60 6.36 -1.52 -7.00
C GLY B 60 6.75 -2.11 -8.34
N LEU B 61 5.89 -1.97 -9.37
CA LEU B 61 6.13 -2.51 -10.71
C LEU B 61 7.41 -1.92 -11.30
N PRO B 62 8.39 -2.80 -11.66
CA PRO B 62 9.71 -2.32 -12.06
C PRO B 62 9.75 -1.57 -13.38
N SER B 63 9.02 -2.06 -14.40
CA SER B 63 9.02 -1.43 -15.71
C SER B 63 7.74 -1.74 -16.46
N ASP B 64 7.66 -1.21 -17.71
CA ASP B 64 6.57 -1.39 -18.69
C ASP B 64 6.36 -2.87 -19.03
N ARG B 65 7.43 -3.69 -18.90
CA ARG B 65 7.45 -5.14 -19.17
C ARG B 65 6.55 -5.93 -18.21
N PHE B 66 6.32 -5.39 -16.97
CA PHE B 66 5.48 -6.00 -15.94
C PHE B 66 4.09 -5.39 -15.94
N PHE B 67 3.07 -6.23 -16.08
CA PHE B 67 1.67 -5.84 -16.16
C PHE B 67 0.84 -6.89 -15.42
N ALA B 68 0.01 -6.46 -14.47
CA ALA B 68 -0.85 -7.34 -13.70
C ALA B 68 -2.30 -7.05 -13.96
N GLU B 69 -3.13 -8.07 -13.78
CA GLU B 69 -4.55 -8.01 -14.01
C GLU B 69 -5.28 -8.81 -12.95
N ARG B 70 -6.53 -8.45 -12.70
CA ARG B 70 -7.49 -9.14 -11.83
C ARG B 70 -8.85 -8.62 -12.27
N PRO B 71 -9.37 -9.07 -13.44
CA PRO B 71 -10.60 -8.46 -13.99
C PRO B 71 -11.92 -8.74 -13.26
N GLU B 72 -12.05 -9.90 -12.61
CA GLU B 72 -13.30 -10.31 -11.94
C GLU B 72 -13.21 -10.18 -10.40
N GLY B 73 -12.15 -9.53 -9.91
CA GLY B 73 -11.89 -9.38 -8.49
C GLY B 73 -11.56 -10.69 -7.78
N SER B 74 -11.10 -11.71 -8.55
CA SER B 74 -10.72 -13.01 -8.00
C SER B 74 -9.28 -13.35 -8.46
N VAL B 75 -9.14 -14.16 -9.53
N VAL B 75 -9.15 -14.18 -9.50
CA VAL B 75 -7.88 -14.59 -10.14
CA VAL B 75 -7.88 -14.61 -10.07
C VAL B 75 -7.09 -13.39 -10.64
C VAL B 75 -7.09 -13.42 -10.63
N SER B 76 -5.80 -13.38 -10.30
CA SER B 76 -4.89 -12.37 -10.77
C SER B 76 -3.77 -13.01 -11.57
N THR B 77 -3.43 -12.40 -12.72
CA THR B 77 -2.30 -12.86 -13.50
C THR B 77 -1.32 -11.70 -13.58
N LEU B 78 -0.04 -12.03 -13.48
CA LEU B 78 1.08 -11.09 -13.61
C LEU B 78 1.88 -11.53 -14.83
N LYS B 79 2.02 -10.63 -15.80
CA LYS B 79 2.72 -10.96 -17.05
C LYS B 79 4.05 -10.19 -17.15
N ILE B 80 5.14 -10.93 -17.44
CA ILE B 80 6.46 -10.35 -17.64
C ILE B 80 6.85 -10.56 -19.12
N GLN B 81 6.89 -9.47 -19.90
CA GLN B 81 7.24 -9.50 -21.33
C GLN B 81 8.75 -9.37 -21.50
N ARG B 82 9.32 -10.00 -22.55
CA ARG B 82 10.76 -9.96 -22.89
C ARG B 82 11.61 -10.10 -21.61
N THR B 83 11.45 -11.26 -20.94
CA THR B 83 12.11 -11.60 -19.67
CA THR B 83 12.08 -11.56 -19.66
C THR B 83 13.63 -11.51 -19.76
N GLN B 84 14.27 -11.05 -18.66
CA GLN B 84 15.72 -10.90 -18.55
C GLN B 84 16.23 -11.70 -17.35
N GLN B 85 17.56 -11.86 -17.24
CA GLN B 85 18.18 -12.62 -16.13
C GLN B 85 17.82 -12.02 -14.76
N GLU B 86 17.67 -10.68 -14.68
CA GLU B 86 17.35 -9.97 -13.43
C GLU B 86 15.92 -10.27 -12.94
N ASP B 87 15.04 -10.75 -13.83
CA ASP B 87 13.65 -11.11 -13.50
C ASP B 87 13.58 -12.45 -12.76
N SER B 88 14.69 -13.20 -12.70
CA SER B 88 14.78 -14.45 -11.96
C SER B 88 14.58 -14.16 -10.46
N ALA B 89 13.50 -14.71 -9.89
CA ALA B 89 13.08 -14.53 -8.50
C ALA B 89 11.90 -15.42 -8.17
N VAL B 90 11.46 -15.38 -6.88
CA VAL B 90 10.24 -15.99 -6.37
C VAL B 90 9.19 -14.86 -6.42
N TYR B 91 8.08 -15.10 -7.10
CA TYR B 91 7.00 -14.13 -7.18
C TYR B 91 5.97 -14.61 -6.21
N LEU B 92 5.76 -13.85 -5.12
CA LEU B 92 4.80 -14.23 -4.09
C LEU B 92 3.52 -13.47 -4.24
N CYS B 93 2.45 -14.18 -4.11
CA CYS B 93 1.12 -13.61 -4.15
C CYS B 93 0.51 -13.76 -2.79
N ALA B 94 -0.25 -12.75 -2.36
CA ALA B 94 -0.92 -12.77 -1.08
C ALA B 94 -2.31 -12.21 -1.23
N SER B 95 -3.18 -12.60 -0.32
CA SER B 95 -4.54 -12.10 -0.25
C SER B 95 -4.88 -11.83 1.22
N SER B 96 -5.85 -10.93 1.46
CA SER B 96 -6.35 -10.58 2.79
C SER B 96 -7.76 -10.07 2.71
N SER B 97 -8.41 -9.99 3.86
CA SER B 97 -9.70 -9.34 4.02
C SER B 97 -9.38 -7.84 4.35
N ARG B 98 -10.31 -7.13 5.01
CA ARG B 98 -10.11 -5.71 5.37
C ARG B 98 -9.04 -5.48 6.47
N ASP B 99 -8.72 -6.50 7.30
CA ASP B 99 -7.77 -6.38 8.42
C ASP B 99 -6.30 -6.29 7.94
N LEU B 100 -6.09 -6.57 6.65
CA LEU B 100 -4.81 -6.54 5.93
C LEU B 100 -3.76 -7.53 6.48
N GLU B 101 -4.21 -8.58 7.20
CA GLU B 101 -3.41 -9.71 7.66
C GLU B 101 -3.24 -10.56 6.41
N GLN B 102 -2.08 -10.46 5.77
CA GLN B 102 -1.79 -11.09 4.48
C GLN B 102 -1.43 -12.57 4.57
N TYR B 103 -2.16 -13.42 3.79
CA TYR B 103 -1.97 -14.87 3.65
C TYR B 103 -1.24 -15.14 2.34
N PHE B 104 -0.02 -15.67 2.40
CA PHE B 104 0.81 -15.86 1.22
C PHE B 104 0.68 -17.24 0.56
N GLY B 105 0.72 -17.22 -0.77
CA GLY B 105 0.74 -18.39 -1.63
C GLY B 105 2.10 -19.03 -1.63
N PRO B 106 2.27 -20.22 -2.27
CA PRO B 106 3.58 -20.91 -2.22
C PRO B 106 4.65 -20.27 -3.13
N GLY B 107 4.23 -19.26 -3.91
CA GLY B 107 5.12 -18.54 -4.81
C GLY B 107 5.39 -19.27 -6.12
N THR B 108 6.01 -18.56 -7.05
CA THR B 108 6.46 -19.07 -8.33
C THR B 108 7.95 -18.84 -8.40
N ARG B 109 8.73 -19.92 -8.55
CA ARG B 109 10.17 -19.74 -8.75
C ARG B 109 10.42 -19.61 -10.28
N LEU B 110 10.80 -18.41 -10.72
CA LEU B 110 11.10 -18.10 -12.12
C LEU B 110 12.61 -18.07 -12.34
N THR B 111 13.14 -18.89 -13.27
CA THR B 111 14.55 -18.87 -13.67
C THR B 111 14.56 -18.47 -15.12
N VAL B 112 15.27 -17.40 -15.43
CA VAL B 112 15.40 -16.92 -16.81
C VAL B 112 16.78 -17.30 -17.30
N THR B 113 16.85 -18.07 -18.40
CA THR B 113 18.11 -18.55 -18.92
C THR B 113 18.29 -18.16 -20.40
N GLU B 114 19.56 -18.09 -20.83
CA GLU B 114 20.03 -17.74 -22.18
C GLU B 114 19.34 -18.65 -23.26
N ASP B 115 19.57 -19.97 -23.18
CA ASP B 115 18.99 -20.98 -24.08
C ASP B 115 18.35 -22.09 -23.26
N LEU B 116 17.35 -22.78 -23.83
CA LEU B 116 16.69 -23.85 -23.09
C LEU B 116 17.53 -25.14 -23.09
N LYS B 117 18.61 -25.21 -23.89
CA LYS B 117 19.57 -26.33 -23.89
C LYS B 117 20.33 -26.37 -22.53
N ASN B 118 20.23 -25.29 -21.73
CA ASN B 118 20.81 -25.21 -20.39
C ASN B 118 20.09 -26.10 -19.40
N VAL B 119 18.83 -26.44 -19.70
CA VAL B 119 17.95 -27.26 -18.88
C VAL B 119 18.32 -28.74 -19.05
N PHE B 120 18.53 -29.40 -17.89
CA PHE B 120 18.88 -30.81 -17.75
C PHE B 120 18.14 -31.40 -16.59
N PRO B 121 17.56 -32.61 -16.72
CA PRO B 121 16.92 -33.23 -15.54
C PRO B 121 18.02 -33.86 -14.67
N PRO B 122 17.75 -34.24 -13.41
CA PRO B 122 18.82 -34.84 -12.61
C PRO B 122 19.09 -36.30 -12.95
N GLU B 123 20.25 -36.79 -12.53
CA GLU B 123 20.60 -38.22 -12.55
C GLU B 123 20.47 -38.64 -11.08
N VAL B 124 19.72 -39.72 -10.78
CA VAL B 124 19.51 -40.07 -9.36
C VAL B 124 20.18 -41.42 -9.04
N ALA B 125 20.90 -41.46 -7.91
CA ALA B 125 21.59 -42.65 -7.43
C ALA B 125 21.38 -42.82 -5.94
N VAL B 126 21.15 -44.08 -5.51
CA VAL B 126 21.02 -44.45 -4.10
C VAL B 126 22.31 -45.18 -3.71
N PHE B 127 22.95 -44.71 -2.63
CA PHE B 127 24.19 -45.28 -2.11
C PHE B 127 23.84 -46.08 -0.88
N GLU B 128 24.21 -47.36 -0.92
CA GLU B 128 23.89 -48.35 0.11
C GLU B 128 24.71 -48.15 1.37
N PRO B 129 24.11 -48.40 2.56
CA PRO B 129 24.86 -48.25 3.82
C PRO B 129 26.16 -49.04 3.87
N SER B 130 27.17 -48.47 4.56
CA SER B 130 28.46 -49.10 4.78
C SER B 130 28.30 -50.15 5.87
N GLU B 131 28.92 -51.33 5.67
CA GLU B 131 28.86 -52.40 6.68
C GLU B 131 29.66 -51.98 7.92
N ALA B 132 30.67 -51.10 7.73
CA ALA B 132 31.45 -50.54 8.84
C ALA B 132 30.53 -49.75 9.76
N GLU B 133 29.60 -48.95 9.18
CA GLU B 133 28.59 -48.18 9.89
C GLU B 133 27.64 -49.13 10.63
N ILE B 134 27.18 -50.20 9.95
CA ILE B 134 26.31 -51.24 10.49
C ILE B 134 26.98 -51.91 11.69
N SER B 135 28.28 -52.27 11.57
CA SER B 135 29.03 -52.94 12.66
C SER B 135 29.35 -52.00 13.82
N HIS B 136 29.66 -50.74 13.52
CA HIS B 136 30.06 -49.74 14.51
C HIS B 136 28.89 -49.15 15.30
N THR B 137 27.80 -48.74 14.61
CA THR B 137 26.68 -48.03 15.22
C THR B 137 25.37 -48.85 15.32
N GLN B 138 25.25 -49.93 14.52
CA GLN B 138 24.04 -50.77 14.37
C GLN B 138 22.90 -49.97 13.71
N LYS B 139 23.27 -48.84 13.05
CA LYS B 139 22.41 -47.95 12.29
C LYS B 139 22.85 -48.01 10.84
N ALA B 140 21.93 -47.75 9.90
CA ALA B 140 22.24 -47.86 8.46
C ALA B 140 21.76 -46.63 7.70
N THR B 141 22.70 -45.91 7.07
CA THR B 141 22.39 -44.70 6.32
C THR B 141 22.46 -44.91 4.82
N LEU B 142 21.33 -44.62 4.17
CA LEU B 142 21.24 -44.58 2.73
C LEU B 142 21.46 -43.15 2.34
N VAL B 143 22.13 -42.93 1.21
CA VAL B 143 22.37 -41.61 0.67
C VAL B 143 21.81 -41.61 -0.74
N CYS B 144 21.08 -40.55 -1.08
CA CYS B 144 20.54 -40.30 -2.40
C CYS B 144 21.28 -39.12 -3.02
N LEU B 145 21.74 -39.25 -4.27
CA LEU B 145 22.45 -38.17 -4.93
C LEU B 145 21.86 -37.80 -6.29
N ALA B 146 21.25 -36.59 -6.37
CA ALA B 146 20.71 -36.02 -7.61
C ALA B 146 21.77 -35.07 -8.18
N THR B 147 22.24 -35.34 -9.40
CA THR B 147 23.30 -34.54 -9.99
C THR B 147 22.95 -34.04 -11.41
N GLY B 148 23.70 -33.02 -11.84
CA GLY B 148 23.67 -32.40 -13.16
C GLY B 148 22.37 -31.81 -13.63
N PHE B 149 21.57 -31.24 -12.70
CA PHE B 149 20.27 -30.67 -13.05
C PHE B 149 20.26 -29.16 -13.07
N TYR B 150 19.44 -28.64 -13.97
CA TYR B 150 19.21 -27.23 -14.15
C TYR B 150 17.83 -27.05 -14.76
N PRO B 151 16.98 -26.14 -14.27
CA PRO B 151 17.19 -25.24 -13.12
C PRO B 151 17.09 -25.95 -11.76
N ASP B 152 17.37 -25.19 -10.69
CA ASP B 152 17.36 -25.60 -9.29
C ASP B 152 15.90 -25.79 -8.84
N HIS B 153 15.12 -26.57 -9.63
CA HIS B 153 13.69 -26.76 -9.42
C HIS B 153 13.38 -28.25 -9.18
N VAL B 154 13.79 -28.77 -8.01
CA VAL B 154 13.61 -30.16 -7.61
C VAL B 154 12.91 -30.31 -6.26
N GLU B 155 12.21 -31.44 -6.08
CA GLU B 155 11.59 -31.83 -4.84
C GLU B 155 11.98 -33.29 -4.59
N LEU B 156 12.84 -33.53 -3.58
CA LEU B 156 13.33 -34.86 -3.22
C LEU B 156 12.47 -35.48 -2.13
N SER B 157 12.18 -36.77 -2.28
CA SER B 157 11.39 -37.53 -1.32
C SER B 157 11.88 -38.96 -1.24
N TRP B 158 11.76 -39.56 -0.04
CA TRP B 158 12.13 -40.95 0.25
C TRP B 158 10.89 -41.80 0.45
N TRP B 159 10.86 -42.96 -0.22
CA TRP B 159 9.73 -43.89 -0.15
C TRP B 159 10.19 -45.23 0.36
N VAL B 160 9.53 -45.73 1.41
CA VAL B 160 9.83 -47.05 1.97
C VAL B 160 8.55 -47.90 1.88
N ASN B 161 8.61 -48.98 1.07
CA ASN B 161 7.52 -49.93 0.85
C ASN B 161 6.21 -49.21 0.37
N GLY B 162 6.38 -48.37 -0.66
CA GLY B 162 5.30 -47.60 -1.28
C GLY B 162 4.76 -46.42 -0.50
N LYS B 163 5.37 -46.11 0.66
CA LYS B 163 4.93 -45.00 1.51
C LYS B 163 6.06 -44.01 1.73
N GLU B 164 5.78 -42.70 1.57
CA GLU B 164 6.76 -41.63 1.79
C GLU B 164 7.11 -41.57 3.29
N VAL B 165 8.37 -41.21 3.60
CA VAL B 165 8.94 -41.18 4.95
C VAL B 165 9.60 -39.81 5.22
N HIS B 166 9.57 -39.37 6.49
CA HIS B 166 10.17 -38.13 6.98
C HIS B 166 11.07 -38.41 8.20
N SER B 167 10.81 -39.51 8.91
CA SER B 167 11.59 -39.95 10.06
C SER B 167 12.96 -40.44 9.61
N GLY B 168 14.01 -39.82 10.16
CA GLY B 168 15.39 -40.17 9.86
C GLY B 168 15.84 -39.72 8.49
N VAL B 169 15.19 -38.66 7.97
CA VAL B 169 15.46 -38.08 6.66
C VAL B 169 16.09 -36.69 6.84
N CYS B 170 17.06 -36.35 5.98
CA CYS B 170 17.66 -35.01 5.91
C CYS B 170 18.12 -34.74 4.51
N THR B 171 17.53 -33.72 3.89
CA THR B 171 17.87 -33.25 2.54
C THR B 171 18.54 -31.93 2.73
N ASP B 172 19.54 -31.65 1.91
CA ASP B 172 20.26 -30.37 1.95
C ASP B 172 19.26 -29.20 1.79
N PRO B 173 19.38 -28.11 2.62
CA PRO B 173 18.43 -26.98 2.50
C PRO B 173 18.38 -26.37 1.09
N GLN B 174 19.54 -26.31 0.43
CA GLN B 174 19.59 -25.81 -0.94
C GLN B 174 20.68 -26.53 -1.76
N PRO B 175 20.40 -26.86 -3.05
CA PRO B 175 21.39 -27.54 -3.88
C PRO B 175 22.69 -26.77 -4.04
N LEU B 176 23.78 -27.49 -4.34
CA LEU B 176 25.08 -26.90 -4.56
C LEU B 176 25.36 -26.84 -6.06
N LYS B 177 26.07 -25.79 -6.51
CA LYS B 177 26.45 -25.60 -7.91
C LYS B 177 27.66 -26.47 -8.21
N GLU B 178 27.59 -27.27 -9.27
CA GLU B 178 28.67 -28.16 -9.67
C GLU B 178 29.90 -27.40 -10.21
N GLN B 179 29.73 -26.09 -10.44
CA GLN B 179 30.72 -25.11 -10.90
C GLN B 179 30.31 -23.75 -10.29
N PRO B 180 30.73 -23.45 -9.03
CA PRO B 180 30.24 -22.21 -8.37
C PRO B 180 30.65 -20.90 -9.07
N ALA B 181 31.66 -20.96 -9.98
CA ALA B 181 32.14 -19.83 -10.77
C ALA B 181 31.39 -19.75 -12.12
N LEU B 182 30.06 -19.89 -12.09
CA LEU B 182 29.18 -19.86 -13.27
C LEU B 182 27.73 -19.56 -12.90
N ASN B 183 27.04 -18.74 -13.74
CA ASN B 183 25.63 -18.38 -13.55
C ASN B 183 24.73 -19.59 -13.88
N ASP B 184 24.86 -20.13 -15.10
CA ASP B 184 24.08 -21.29 -15.58
C ASP B 184 24.79 -22.63 -15.22
N SER B 185 25.08 -22.80 -13.90
CA SER B 185 25.70 -24.02 -13.40
C SER B 185 24.65 -25.08 -13.12
N ARG B 186 24.98 -26.34 -13.40
CA ARG B 186 24.07 -27.44 -13.09
C ARG B 186 24.17 -27.72 -11.58
N TYR B 187 23.16 -28.35 -11.01
CA TYR B 187 23.14 -28.54 -9.56
C TYR B 187 23.22 -29.99 -9.12
N ALA B 188 23.58 -30.14 -7.85
CA ALA B 188 23.61 -31.42 -7.16
C ALA B 188 22.88 -31.25 -5.85
N LEU B 189 22.16 -32.28 -5.45
CA LEU B 189 21.40 -32.30 -4.20
C LEU B 189 21.56 -33.66 -3.56
N SER B 190 21.75 -33.67 -2.26
CA SER B 190 21.87 -34.93 -1.54
C SER B 190 20.84 -35.01 -0.42
N SER B 191 20.52 -36.24 -0.01
CA SER B 191 19.61 -36.52 1.08
C SER B 191 20.06 -37.79 1.78
N ARG B 192 19.78 -37.89 3.07
CA ARG B 192 20.12 -39.03 3.91
C ARG B 192 18.87 -39.67 4.47
N LEU B 193 18.80 -41.01 4.43
CA LEU B 193 17.75 -41.77 5.08
C LEU B 193 18.43 -42.75 6.02
N ARG B 194 18.18 -42.60 7.32
CA ARG B 194 18.79 -43.45 8.32
C ARG B 194 17.74 -44.34 8.98
N VAL B 195 18.05 -45.64 9.03
CA VAL B 195 17.22 -46.67 9.63
C VAL B 195 18.10 -47.54 10.54
N SER B 196 17.50 -48.45 11.32
CA SER B 196 18.22 -49.38 12.16
C SER B 196 18.91 -50.40 11.25
N ALA B 197 19.99 -51.05 11.71
CA ALA B 197 20.66 -52.07 10.89
C ALA B 197 19.68 -53.18 10.50
N THR B 198 18.87 -53.67 11.47
CA THR B 198 17.89 -54.74 11.31
C THR B 198 16.84 -54.39 10.25
N PHE B 199 16.38 -53.12 10.20
CA PHE B 199 15.41 -52.67 9.18
C PHE B 199 16.05 -52.73 7.78
N TRP B 200 17.34 -52.36 7.65
CA TRP B 200 18.06 -52.45 6.38
C TRP B 200 18.41 -53.90 6.04
N GLN B 201 18.62 -54.75 7.07
CA GLN B 201 19.02 -56.16 6.91
C GLN B 201 17.89 -57.05 6.39
N ASN B 202 16.66 -56.54 6.37
CA ASN B 202 15.49 -57.25 5.88
C ASN B 202 15.39 -57.08 4.34
N PRO B 203 15.59 -58.17 3.55
CA PRO B 203 15.53 -58.03 2.09
C PRO B 203 14.13 -57.78 1.52
N ARG B 204 13.08 -57.81 2.38
CA ARG B 204 11.68 -57.57 1.99
C ARG B 204 11.41 -56.08 1.84
N ASN B 205 12.23 -55.25 2.53
CA ASN B 205 12.11 -53.80 2.55
C ASN B 205 12.72 -53.17 1.30
N HIS B 206 11.96 -52.25 0.70
CA HIS B 206 12.31 -51.50 -0.52
C HIS B 206 12.44 -50.01 -0.18
N PHE B 207 13.57 -49.42 -0.57
CA PHE B 207 13.93 -48.03 -0.34
C PHE B 207 14.08 -47.31 -1.66
N ARG B 208 13.26 -46.30 -1.89
CA ARG B 208 13.29 -45.56 -3.15
C ARG B 208 13.55 -44.09 -2.90
N CYS B 209 14.39 -43.50 -3.71
CA CYS B 209 14.59 -42.07 -3.67
C CYS B 209 14.00 -41.46 -4.93
N GLN B 210 13.01 -40.58 -4.76
CA GLN B 210 12.34 -39.89 -5.87
C GLN B 210 12.75 -38.45 -5.92
N VAL B 211 13.07 -37.98 -7.11
CA VAL B 211 13.39 -36.57 -7.33
C VAL B 211 12.46 -36.07 -8.43
N GLN B 212 11.47 -35.26 -8.05
CA GLN B 212 10.56 -34.60 -8.97
C GLN B 212 11.27 -33.37 -9.52
N PHE B 213 11.52 -33.38 -10.85
CA PHE B 213 12.15 -32.27 -11.57
C PHE B 213 11.07 -31.48 -12.30
N TYR B 214 11.25 -30.15 -12.33
CA TYR B 214 10.37 -29.22 -13.02
C TYR B 214 11.19 -28.60 -14.14
N GLY B 215 10.82 -28.94 -15.37
CA GLY B 215 11.51 -28.49 -16.57
C GLY B 215 10.56 -28.04 -17.66
N LEU B 216 10.89 -28.42 -18.88
CA LEU B 216 10.16 -28.01 -20.09
C LEU B 216 8.74 -28.58 -20.19
N SER B 217 7.83 -27.84 -20.85
CA SER B 217 6.42 -28.20 -21.08
C SER B 217 6.21 -28.59 -22.54
N GLU B 218 4.95 -28.98 -22.89
CA GLU B 218 4.56 -29.36 -24.25
C GLU B 218 4.71 -28.21 -25.24
N ASN B 219 4.53 -26.96 -24.75
CA ASN B 219 4.61 -25.73 -25.53
C ASN B 219 6.05 -25.26 -25.81
N ASP B 220 7.03 -25.72 -24.99
CA ASP B 220 8.43 -25.32 -25.14
C ASP B 220 9.06 -26.01 -26.34
N GLU B 221 9.86 -25.25 -27.12
CA GLU B 221 10.51 -25.76 -28.33
C GLU B 221 11.84 -26.43 -27.97
N TRP B 222 12.14 -27.58 -28.60
CA TRP B 222 13.37 -28.34 -28.31
C TRP B 222 14.05 -28.80 -29.59
N THR B 223 15.37 -28.54 -29.72
CA THR B 223 16.16 -28.88 -30.93
C THR B 223 17.41 -29.75 -30.65
N GLN B 224 17.69 -30.10 -29.37
CA GLN B 224 18.86 -30.93 -29.01
C GLN B 224 18.60 -32.43 -29.25
N ASP B 225 19.67 -33.20 -29.56
CA ASP B 225 19.61 -34.65 -29.81
C ASP B 225 19.06 -35.40 -28.60
N ARG B 226 19.60 -35.11 -27.42
CA ARG B 226 19.19 -35.73 -26.15
C ARG B 226 17.69 -35.52 -25.86
N ALA B 227 17.10 -36.41 -25.03
CA ALA B 227 15.67 -36.31 -24.64
C ALA B 227 15.34 -34.91 -24.13
N LYS B 228 14.15 -34.40 -24.49
CA LYS B 228 13.67 -33.07 -24.08
C LYS B 228 13.58 -33.05 -22.54
N PRO B 229 14.15 -32.06 -21.84
CA PRO B 229 14.15 -32.08 -20.36
C PRO B 229 12.82 -31.61 -19.74
N VAL B 230 11.79 -32.45 -19.89
CA VAL B 230 10.43 -32.12 -19.41
C VAL B 230 10.31 -32.33 -17.90
N THR B 231 9.18 -31.90 -17.34
CA THR B 231 8.82 -32.14 -15.96
C THR B 231 8.71 -33.65 -15.81
N GLN B 232 9.44 -34.19 -14.81
CA GLN B 232 9.49 -35.64 -14.63
C GLN B 232 10.00 -36.02 -13.24
N ILE B 233 9.75 -37.27 -12.85
CA ILE B 233 10.29 -37.85 -11.62
C ILE B 233 11.44 -38.77 -12.02
N VAL B 234 12.62 -38.52 -11.47
CA VAL B 234 13.79 -39.39 -11.68
C VAL B 234 14.01 -40.09 -10.32
N SER B 235 14.06 -41.42 -10.32
CA SER B 235 14.22 -42.23 -9.12
C SER B 235 15.40 -43.19 -9.17
N ALA B 236 15.77 -43.69 -7.98
CA ALA B 236 16.75 -44.73 -7.76
C ALA B 236 16.26 -45.58 -6.62
N GLU B 237 16.50 -46.89 -6.70
CA GLU B 237 15.99 -47.80 -5.69
C GLU B 237 17.05 -48.76 -5.16
N ALA B 238 16.74 -49.34 -4.00
CA ALA B 238 17.55 -50.31 -3.31
C ALA B 238 16.67 -51.24 -2.48
N TRP B 239 17.09 -52.50 -2.40
CA TRP B 239 16.46 -53.52 -1.59
C TRP B 239 17.39 -53.83 -0.44
N GLY B 240 16.82 -54.23 0.69
CA GLY B 240 17.56 -54.59 1.90
C GLY B 240 18.57 -55.70 1.68
N ARG B 241 19.73 -55.61 2.36
CA ARG B 241 20.84 -56.58 2.26
C ARG B 241 20.90 -57.47 3.49
N ALA B 242 20.84 -58.81 3.30
CA ALA B 242 20.91 -59.84 4.35
C ALA B 242 22.13 -59.66 5.26
N ASP B 243 23.32 -59.39 4.68
CA ASP B 243 24.64 -59.17 5.35
C ASP B 243 25.10 -60.38 6.21
N VAL C 4 -10.86 45.13 10.35
CA VAL C 4 -11.03 44.94 11.79
C VAL C 4 -11.04 43.41 12.14
N PRO C 5 -11.85 42.50 11.51
CA PRO C 5 -11.85 41.08 11.92
C PRO C 5 -10.51 40.36 11.75
N GLN C 6 -10.28 39.35 12.64
CA GLN C 6 -9.11 38.50 12.69
C GLN C 6 -9.08 37.59 11.46
N ARG C 7 -7.90 37.47 10.81
CA ARG C 7 -7.73 36.63 9.62
C ARG C 7 -7.42 35.18 10.03
N LEU C 8 -8.40 34.27 9.88
CA LEU C 8 -8.23 32.86 10.24
C LEU C 8 -7.77 32.03 9.04
N PHE C 9 -6.97 30.96 9.28
CA PHE C 9 -6.46 30.12 8.19
C PHE C 9 -6.79 28.61 8.37
N PRO C 10 -8.06 28.20 8.46
CA PRO C 10 -8.32 26.76 8.54
C PRO C 10 -8.19 26.11 7.16
N LEU C 11 -7.75 24.85 7.12
CA LEU C 11 -7.70 24.10 5.88
C LEU C 11 -9.04 23.40 5.75
N ARG C 12 -9.78 23.71 4.70
CA ARG C 12 -11.09 23.11 4.44
C ARG C 12 -11.03 22.28 3.18
N CYS C 13 -11.18 20.96 3.33
CA CYS C 13 -11.19 20.02 2.21
C CYS C 13 -12.62 19.60 1.97
N LEU C 14 -13.16 20.04 0.83
CA LEU C 14 -14.54 19.83 0.44
C LEU C 14 -14.66 18.80 -0.65
N GLN C 15 -15.66 17.93 -0.53
CA GLN C 15 -15.89 16.86 -1.48
C GLN C 15 -17.34 16.82 -1.85
N ILE C 16 -17.60 16.82 -3.16
CA ILE C 16 -18.93 16.73 -3.77
C ILE C 16 -18.98 15.41 -4.53
N SER C 17 -19.79 14.46 -4.05
CA SER C 17 -19.98 13.15 -4.69
C SER C 17 -21.45 12.99 -5.12
N SER C 18 -21.68 12.96 -6.44
CA SER C 18 -23.02 12.79 -7.04
C SER C 18 -23.19 11.37 -7.59
N PHE C 19 -24.35 10.78 -7.32
CA PHE C 19 -24.73 9.44 -7.79
C PHE C 19 -26.09 9.55 -8.44
N ALA C 20 -26.12 9.67 -9.78
CA ALA C 20 -27.36 9.77 -10.54
C ALA C 20 -28.07 8.42 -10.55
N ASN C 21 -27.33 7.35 -10.91
CA ASN C 21 -27.80 5.95 -10.93
C ASN C 21 -26.68 5.06 -10.38
N SER C 22 -26.89 3.74 -10.43
CA SER C 22 -25.90 2.75 -10.02
C SER C 22 -24.66 2.80 -10.95
N SER C 23 -24.84 3.34 -12.18
CA SER C 23 -23.81 3.43 -13.23
C SER C 23 -23.16 4.81 -13.34
N TRP C 24 -23.92 5.91 -13.14
CA TRP C 24 -23.35 7.25 -13.26
C TRP C 24 -23.00 7.86 -11.90
N THR C 25 -21.74 8.30 -11.78
CA THR C 25 -21.22 8.94 -10.58
C THR C 25 -20.01 9.79 -10.90
N ARG C 26 -19.75 10.77 -10.03
CA ARG C 26 -18.55 11.60 -10.07
C ARG C 26 -18.24 12.13 -8.70
N THR C 27 -16.96 12.25 -8.41
CA THR C 27 -16.48 12.80 -7.16
C THR C 27 -15.58 13.95 -7.53
N ASP C 28 -15.91 15.12 -7.01
CA ASP C 28 -15.13 16.32 -7.24
C ASP C 28 -14.81 16.94 -5.90
N GLY C 29 -13.72 17.69 -5.85
CA GLY C 29 -13.32 18.34 -4.61
C GLY C 29 -12.34 19.47 -4.78
N LEU C 30 -12.01 20.09 -3.66
CA LEU C 30 -11.08 21.21 -3.58
C LEU C 30 -10.65 21.44 -2.15
N ALA C 31 -9.62 22.27 -1.97
CA ALA C 31 -9.11 22.62 -0.66
C ALA C 31 -8.96 24.13 -0.53
N TRP C 32 -9.46 24.69 0.58
CA TRP C 32 -9.33 26.09 0.91
C TRP C 32 -8.42 26.30 2.11
N LEU C 33 -7.48 27.24 2.01
CA LEU C 33 -6.66 27.66 3.14
C LEU C 33 -7.15 29.07 3.43
N GLY C 34 -8.08 29.13 4.38
CA GLY C 34 -8.80 30.36 4.69
C GLY C 34 -9.76 30.61 3.53
N GLU C 35 -9.56 31.76 2.84
CA GLU C 35 -10.35 32.22 1.69
C GLU C 35 -9.73 31.86 0.31
N LEU C 36 -8.48 31.33 0.30
CA LEU C 36 -7.73 30.93 -0.89
C LEU C 36 -7.94 29.45 -1.26
N GLN C 37 -8.16 29.15 -2.57
CA GLN C 37 -8.27 27.78 -3.04
C GLN C 37 -6.88 27.33 -3.45
N THR C 38 -6.33 26.32 -2.73
CA THR C 38 -4.98 25.78 -2.93
C THR C 38 -4.99 24.56 -3.84
N HIS C 39 -6.06 23.77 -3.79
CA HIS C 39 -6.17 22.54 -4.58
C HIS C 39 -7.53 22.40 -5.25
N SER C 40 -7.55 21.62 -6.33
CA SER C 40 -8.72 21.25 -7.12
C SER C 40 -8.62 19.75 -7.39
N TRP C 41 -9.75 19.03 -7.35
CA TRP C 41 -9.79 17.57 -7.55
C TRP C 41 -10.98 17.14 -8.40
N SER C 42 -10.72 16.72 -9.64
CA SER C 42 -11.78 16.28 -10.54
C SER C 42 -11.84 14.75 -10.64
N ASN C 43 -13.04 14.22 -10.96
CA ASN C 43 -13.29 12.80 -11.17
C ASN C 43 -12.51 12.30 -12.38
N ASP C 44 -12.29 13.19 -13.37
CA ASP C 44 -11.60 12.93 -14.63
C ASP C 44 -10.10 12.78 -14.46
N SER C 45 -9.51 13.47 -13.47
CA SER C 45 -8.07 13.37 -13.24
C SER C 45 -7.75 12.30 -12.19
N ASP C 46 -6.55 11.71 -12.30
CA ASP C 46 -6.14 10.68 -11.34
C ASP C 46 -5.31 11.27 -10.19
N THR C 47 -5.08 12.59 -10.20
CA THR C 47 -4.34 13.28 -9.15
C THR C 47 -5.01 14.59 -8.75
N VAL C 48 -4.80 14.99 -7.49
CA VAL C 48 -5.23 16.26 -6.92
C VAL C 48 -4.34 17.35 -7.57
N ARG C 49 -4.99 18.34 -8.20
CA ARG C 49 -4.34 19.43 -8.92
C ARG C 49 -3.96 20.58 -8.00
N SER C 50 -2.70 21.02 -8.08
CA SER C 50 -2.18 22.14 -7.30
C SER C 50 -2.47 23.44 -8.03
N LEU C 51 -3.04 24.43 -7.33
CA LEU C 51 -3.46 25.70 -7.92
C LEU C 51 -2.45 26.83 -7.72
N LYS C 52 -1.65 26.75 -6.65
CA LYS C 52 -0.67 27.76 -6.32
C LYS C 52 0.73 27.18 -6.41
N PRO C 53 1.77 27.98 -6.73
CA PRO C 53 3.13 27.40 -6.79
C PRO C 53 3.63 26.85 -5.45
N TRP C 54 2.96 27.22 -4.34
CA TRP C 54 3.28 26.86 -2.95
C TRP C 54 2.25 25.89 -2.30
N SER C 55 1.38 25.25 -3.12
CA SER C 55 0.30 24.33 -2.72
C SER C 55 0.77 23.03 -2.01
N GLN C 56 2.00 22.55 -2.32
CA GLN C 56 2.53 21.33 -1.70
C GLN C 56 3.06 21.61 -0.27
N GLY C 57 3.26 22.90 0.05
CA GLY C 57 3.76 23.35 1.33
C GLY C 57 5.21 22.97 1.50
N THR C 58 5.54 22.42 2.69
CA THR C 58 6.88 21.94 3.05
C THR C 58 6.98 20.41 2.85
N PHE C 59 5.92 19.80 2.31
CA PHE C 59 5.88 18.36 2.07
C PHE C 59 6.78 17.97 0.90
N SER C 60 7.56 16.90 1.08
CA SER C 60 8.41 16.39 0.03
C SER C 60 7.56 15.68 -1.03
N ASP C 61 8.14 15.43 -2.22
CA ASP C 61 7.46 14.76 -3.33
C ASP C 61 6.99 13.38 -2.92
N GLN C 62 7.73 12.71 -2.00
CA GLN C 62 7.40 11.38 -1.50
C GLN C 62 6.16 11.48 -0.60
N GLN C 63 6.15 12.48 0.32
CA GLN C 63 5.04 12.73 1.24
C GLN C 63 3.77 13.14 0.51
N TRP C 64 3.91 13.91 -0.60
CA TRP C 64 2.75 14.35 -1.39
C TRP C 64 2.19 13.16 -2.17
N GLU C 65 3.05 12.26 -2.65
CA GLU C 65 2.64 11.08 -3.40
C GLU C 65 1.83 10.12 -2.50
N THR C 66 2.18 10.03 -1.21
CA THR C 66 1.47 9.17 -0.25
C THR C 66 0.03 9.70 -0.04
N LEU C 67 -0.13 11.02 0.02
CA LEU C 67 -1.44 11.64 0.17
C LEU C 67 -2.28 11.42 -1.09
N GLN C 68 -1.66 11.67 -2.26
CA GLN C 68 -2.17 11.45 -3.60
C GLN C 68 -2.74 10.02 -3.72
N HIS C 69 -1.99 9.03 -3.15
CA HIS C 69 -2.32 7.61 -3.11
C HIS C 69 -3.55 7.37 -2.22
N ILE C 70 -3.59 8.00 -1.02
CA ILE C 70 -4.68 7.89 -0.06
C ILE C 70 -5.99 8.42 -0.68
N PHE C 71 -5.94 9.60 -1.37
CA PHE C 71 -7.10 10.20 -2.04
C PHE C 71 -7.62 9.33 -3.22
N ARG C 72 -6.71 8.65 -3.97
CA ARG C 72 -7.07 7.77 -5.09
C ARG C 72 -7.82 6.53 -4.57
N VAL C 73 -7.27 5.91 -3.51
CA VAL C 73 -7.85 4.75 -2.84
C VAL C 73 -9.19 5.17 -2.18
N TYR C 74 -9.24 6.37 -1.57
CA TYR C 74 -10.44 6.89 -0.90
C TYR C 74 -11.61 7.10 -1.87
N ARG C 75 -11.39 7.78 -3.00
CA ARG C 75 -12.41 8.06 -4.01
C ARG C 75 -13.05 6.76 -4.50
N SER C 76 -12.23 5.82 -5.03
CA SER C 76 -12.66 4.52 -5.55
C SER C 76 -13.46 3.75 -4.48
N SER C 77 -12.91 3.69 -3.24
CA SER C 77 -13.49 3.01 -2.08
C SER C 77 -14.77 3.67 -1.62
N PHE C 78 -14.77 5.03 -1.52
CA PHE C 78 -15.94 5.82 -1.12
C PHE C 78 -17.09 5.57 -2.11
N THR C 79 -16.82 5.73 -3.44
CA THR C 79 -17.80 5.54 -4.52
C THR C 79 -18.36 4.12 -4.53
N ARG C 80 -17.59 3.10 -4.07
CA ARG C 80 -17.99 1.69 -3.98
C ARG C 80 -18.82 1.44 -2.71
N ASP C 81 -18.50 2.11 -1.61
CA ASP C 81 -19.18 1.95 -0.32
C ASP C 81 -20.61 2.52 -0.33
N VAL C 82 -20.81 3.67 -1.00
CA VAL C 82 -22.12 4.32 -1.13
C VAL C 82 -23.09 3.41 -1.89
N LYS C 83 -22.64 2.83 -3.03
CA LYS C 83 -23.43 1.91 -3.86
C LYS C 83 -23.89 0.67 -3.05
N GLU C 84 -22.99 0.15 -2.18
CA GLU C 84 -23.23 -0.97 -1.29
C GLU C 84 -24.23 -0.55 -0.19
N PHE C 85 -24.02 0.65 0.41
CA PHE C 85 -24.88 1.21 1.46
C PHE C 85 -26.29 1.49 0.96
N ALA C 86 -26.41 2.05 -0.26
CA ALA C 86 -27.70 2.33 -0.89
C ALA C 86 -28.48 1.02 -1.14
N LYS C 87 -27.76 -0.07 -1.47
CA LYS C 87 -28.37 -1.39 -1.69
C LYS C 87 -28.79 -2.06 -0.38
N MET C 88 -28.03 -1.83 0.71
CA MET C 88 -28.29 -2.40 2.03
C MET C 88 -29.40 -1.64 2.76
N LEU C 89 -29.28 -0.31 2.87
CA LEU C 89 -30.20 0.52 3.64
C LEU C 89 -31.42 0.97 2.81
N ARG C 90 -31.57 0.40 1.59
CA ARG C 90 -32.65 0.64 0.62
C ARG C 90 -32.90 2.15 0.42
N LEU C 91 -31.85 2.84 -0.03
CA LEU C 91 -31.87 4.27 -0.32
C LEU C 91 -31.93 4.48 -1.82
N SER C 92 -32.86 5.32 -2.25
CA SER C 92 -33.08 5.58 -3.67
C SER C 92 -32.18 6.67 -4.25
N TYR C 93 -31.82 6.49 -5.52
CA TYR C 93 -31.05 7.42 -6.35
C TYR C 93 -32.02 8.50 -6.90
N PRO C 94 -31.59 9.75 -7.18
CA PRO C 94 -30.25 10.33 -7.05
C PRO C 94 -29.78 10.46 -5.61
N LEU C 95 -28.45 10.34 -5.41
CA LEU C 95 -27.76 10.46 -4.12
C LEU C 95 -26.71 11.55 -4.22
N GLU C 96 -26.59 12.38 -3.17
CA GLU C 96 -25.57 13.43 -3.07
C GLU C 96 -24.93 13.41 -1.70
N LEU C 97 -23.61 13.22 -1.67
CA LEU C 97 -22.89 13.20 -0.41
C LEU C 97 -21.85 14.29 -0.38
N GLN C 98 -21.75 14.96 0.76
CA GLN C 98 -20.79 16.02 0.93
C GLN C 98 -19.92 15.73 2.10
N VAL C 99 -18.63 16.00 1.95
CA VAL C 99 -17.63 15.81 3.00
C VAL C 99 -16.95 17.15 3.24
N SER C 100 -16.81 17.50 4.52
CA SER C 100 -16.09 18.68 4.95
C SER C 100 -15.12 18.26 6.03
N ALA C 101 -13.86 18.09 5.62
CA ALA C 101 -12.75 17.63 6.44
C ALA C 101 -11.68 18.70 6.55
N GLY C 102 -10.86 18.64 7.58
CA GLY C 102 -9.79 19.60 7.75
C GLY C 102 -9.41 19.90 9.18
N CYS C 103 -8.69 21.01 9.36
CA CYS C 103 -8.21 21.46 10.66
C CYS C 103 -7.81 22.92 10.62
N GLU C 104 -7.47 23.47 11.79
CA GLU C 104 -6.98 24.83 12.03
C GLU C 104 -5.87 24.77 13.06
N VAL C 105 -4.75 25.44 12.75
CA VAL C 105 -3.56 25.45 13.60
C VAL C 105 -3.58 26.68 14.49
N HIS C 106 -3.31 26.45 15.79
CA HIS C 106 -3.22 27.48 16.81
C HIS C 106 -1.80 27.36 17.37
N PRO C 107 -0.83 28.07 16.75
CA PRO C 107 0.60 27.94 17.14
C PRO C 107 0.86 27.92 18.66
N GLY C 108 1.58 26.88 19.09
CA GLY C 108 1.90 26.64 20.49
C GLY C 108 0.89 25.72 21.16
N ASN C 109 -0.41 26.10 21.05
CA ASN C 109 -1.56 25.36 21.59
C ASN C 109 -1.95 24.17 20.69
N ALA C 110 -2.89 23.33 21.16
CA ALA C 110 -3.40 22.16 20.43
C ALA C 110 -4.21 22.59 19.19
N SER C 111 -4.11 21.79 18.12
CA SER C 111 -4.82 22.03 16.86
C SER C 111 -6.25 21.51 16.94
N ASN C 112 -7.14 22.07 16.13
CA ASN C 112 -8.56 21.74 16.06
C ASN C 112 -8.83 21.02 14.75
N ASN C 113 -9.56 19.91 14.74
CA ASN C 113 -9.88 19.20 13.49
C ASN C 113 -11.38 18.85 13.38
N PHE C 114 -11.83 18.46 12.17
CA PHE C 114 -13.21 18.09 11.88
C PHE C 114 -13.31 17.17 10.65
N PHE C 115 -14.43 16.41 10.58
CA PHE C 115 -14.76 15.55 9.45
C PHE C 115 -16.28 15.37 9.44
N HIS C 116 -16.99 16.26 8.72
CA HIS C 116 -18.45 16.21 8.63
C HIS C 116 -18.91 15.62 7.30
N VAL C 117 -19.96 14.77 7.36
CA VAL C 117 -20.57 14.11 6.20
C VAL C 117 -22.07 14.49 6.16
N ALA C 118 -22.55 14.96 5.00
CA ALA C 118 -23.96 15.31 4.80
C ALA C 118 -24.59 14.45 3.73
N PHE C 119 -25.88 14.15 3.91
CA PHE C 119 -26.66 13.39 2.96
C PHE C 119 -27.88 14.24 2.55
N GLN C 120 -27.92 14.62 1.25
CA GLN C 120 -28.94 15.47 0.62
C GLN C 120 -29.05 16.83 1.36
N GLY C 121 -27.89 17.42 1.66
CA GLY C 121 -27.77 18.71 2.32
C GLY C 121 -27.98 18.75 3.82
N LYS C 122 -28.13 17.59 4.47
CA LYS C 122 -28.33 17.49 5.91
C LYS C 122 -27.24 16.65 6.59
N ASP C 123 -26.75 17.13 7.74
CA ASP C 123 -25.74 16.48 8.58
C ASP C 123 -26.21 15.09 9.02
N ILE C 124 -25.48 14.02 8.65
CA ILE C 124 -25.84 12.66 9.04
C ILE C 124 -24.84 12.14 10.08
N LEU C 125 -23.53 12.29 9.83
CA LEU C 125 -22.49 11.86 10.76
C LEU C 125 -21.24 12.73 10.67
N SER C 126 -20.31 12.53 11.61
CA SER C 126 -19.01 13.20 11.72
C SER C 126 -18.01 12.31 12.46
N PHE C 127 -16.70 12.58 12.28
CA PHE C 127 -15.65 11.82 12.97
C PHE C 127 -15.34 12.53 14.28
N GLN C 128 -15.47 11.82 15.40
CA GLN C 128 -15.25 12.37 16.74
C GLN C 128 -14.29 11.48 17.53
N GLY C 129 -13.13 12.03 17.84
CA GLY C 129 -12.09 11.35 18.60
C GLY C 129 -11.48 10.23 17.79
N THR C 130 -11.94 9.00 18.03
CA THR C 130 -11.44 7.82 17.33
C THR C 130 -12.56 7.08 16.57
N SER C 131 -13.80 7.63 16.51
CA SER C 131 -14.92 6.93 15.85
C SER C 131 -15.95 7.86 15.21
N TRP C 132 -16.78 7.29 14.31
CA TRP C 132 -17.87 7.98 13.63
C TRP C 132 -19.04 8.13 14.58
N GLU C 133 -19.66 9.31 14.61
CA GLU C 133 -20.78 9.56 15.51
C GLU C 133 -21.95 10.25 14.78
N PRO C 134 -23.21 9.78 15.01
CA PRO C 134 -24.36 10.40 14.32
C PRO C 134 -24.72 11.77 14.86
N THR C 135 -25.52 12.52 14.07
CA THR C 135 -26.05 13.85 14.41
C THR C 135 -27.12 13.67 15.52
N GLN C 136 -27.38 14.74 16.34
CA GLN C 136 -28.35 14.78 17.44
C GLN C 136 -29.64 14.06 17.03
N GLU C 137 -30.23 14.49 15.91
CA GLU C 137 -31.38 13.83 15.30
C GLU C 137 -30.87 13.24 13.99
N ALA C 138 -30.84 11.90 13.91
CA ALA C 138 -30.34 11.20 12.73
C ALA C 138 -31.24 10.02 12.35
N PRO C 139 -31.58 9.86 11.04
CA PRO C 139 -32.42 8.72 10.62
C PRO C 139 -31.84 7.36 11.03
N LEU C 140 -32.72 6.37 11.27
CA LEU C 140 -32.38 5.02 11.69
C LEU C 140 -31.34 4.34 10.80
N TRP C 141 -31.35 4.64 9.48
CA TRP C 141 -30.40 4.04 8.55
C TRP C 141 -28.97 4.58 8.77
N VAL C 142 -28.82 5.76 9.43
CA VAL C 142 -27.49 6.32 9.72
C VAL C 142 -26.81 5.44 10.80
N ASN C 143 -27.52 5.12 11.91
CA ASN C 143 -27.03 4.27 13.01
C ASN C 143 -26.55 2.89 12.50
N LEU C 144 -27.22 2.36 11.46
CA LEU C 144 -26.87 1.08 10.82
C LEU C 144 -25.60 1.22 9.99
N ALA C 145 -25.45 2.36 9.27
CA ALA C 145 -24.26 2.68 8.46
C ALA C 145 -23.06 2.91 9.38
N ILE C 146 -23.28 3.50 10.57
CA ILE C 146 -22.24 3.76 11.58
C ILE C 146 -21.73 2.43 12.17
N GLN C 147 -22.63 1.42 12.38
CA GLN C 147 -22.26 0.10 12.91
C GLN C 147 -21.26 -0.61 11.99
N VAL C 148 -21.47 -0.48 10.67
CA VAL C 148 -20.60 -1.04 9.62
C VAL C 148 -19.27 -0.25 9.58
N LEU C 149 -19.34 1.10 9.60
CA LEU C 149 -18.23 2.04 9.52
C LEU C 149 -17.27 1.99 10.71
N ASN C 150 -17.80 1.70 11.91
CA ASN C 150 -17.01 1.66 13.14
C ASN C 150 -16.31 0.33 13.33
N GLN C 151 -16.65 -0.68 12.49
CA GLN C 151 -16.04 -2.00 12.49
C GLN C 151 -14.72 -1.97 11.72
N ASP C 152 -14.52 -0.93 10.90
CA ASP C 152 -13.32 -0.73 10.08
C ASP C 152 -12.25 -0.01 10.87
N LYS C 153 -11.35 -0.79 11.51
CA LYS C 153 -10.23 -0.29 12.32
C LYS C 153 -9.27 0.58 11.51
N TRP C 154 -8.93 0.12 10.28
CA TRP C 154 -7.97 0.76 9.38
C TRP C 154 -8.41 2.17 8.97
N THR C 155 -9.68 2.36 8.56
CA THR C 155 -10.21 3.67 8.15
C THR C 155 -10.21 4.64 9.34
N ARG C 156 -10.64 4.16 10.53
CA ARG C 156 -10.67 4.97 11.76
C ARG C 156 -9.27 5.49 12.06
N GLU C 157 -8.25 4.63 11.96
CA GLU C 157 -6.85 4.97 12.19
C GLU C 157 -6.30 5.91 11.10
N THR C 158 -6.66 5.68 9.83
CA THR C 158 -6.24 6.56 8.71
C THR C 158 -6.81 7.97 8.89
N VAL C 159 -8.12 8.09 9.23
CA VAL C 159 -8.80 9.39 9.44
C VAL C 159 -8.16 10.10 10.66
N GLN C 160 -7.97 9.40 11.81
CA GLN C 160 -7.31 9.96 13.00
C GLN C 160 -5.93 10.52 12.68
N TRP C 161 -5.11 9.74 11.95
CA TRP C 161 -3.76 10.11 11.55
C TRP C 161 -3.77 11.25 10.51
N LEU C 162 -4.79 11.30 9.63
CA LEU C 162 -4.89 12.38 8.66
C LEU C 162 -5.29 13.70 9.34
N LEU C 163 -6.24 13.64 10.29
CA LEU C 163 -6.74 14.82 10.97
C LEU C 163 -5.80 15.32 12.07
N ASN C 164 -5.37 14.44 12.99
CA ASN C 164 -4.55 14.86 14.11
C ASN C 164 -3.06 15.03 13.76
N GLY C 165 -2.56 14.30 12.75
CA GLY C 165 -1.16 14.35 12.38
C GLY C 165 -0.80 15.06 11.11
N THR C 166 -1.20 14.51 9.97
CA THR C 166 -0.87 15.00 8.62
C THR C 166 -1.38 16.42 8.35
N CYS C 167 -2.64 16.69 8.71
CA CYS C 167 -3.29 17.96 8.43
C CYS C 167 -2.64 19.16 9.15
N PRO C 168 -2.49 19.21 10.51
CA PRO C 168 -1.83 20.38 11.12
C PRO C 168 -0.41 20.62 10.57
N GLN C 169 0.32 19.54 10.21
CA GLN C 169 1.65 19.63 9.61
C GLN C 169 1.58 20.33 8.25
N PHE C 170 0.61 19.93 7.41
CA PHE C 170 0.38 20.46 6.07
C PHE C 170 0.02 21.95 6.12
N VAL C 171 -0.88 22.34 7.04
CA VAL C 171 -1.33 23.72 7.28
C VAL C 171 -0.13 24.64 7.59
N SER C 172 0.75 24.24 8.52
CA SER C 172 1.94 25.00 8.92
C SER C 172 2.92 25.16 7.76
N GLY C 173 2.98 24.15 6.89
CA GLY C 173 3.81 24.14 5.71
C GLY C 173 3.33 25.11 4.65
N LEU C 174 1.99 25.18 4.44
CA LEU C 174 1.34 26.11 3.51
C LEU C 174 1.51 27.56 4.00
N LEU C 175 1.31 27.78 5.31
CA LEU C 175 1.49 29.07 5.97
C LEU C 175 2.92 29.56 5.83
N GLU C 176 3.89 28.64 5.74
CA GLU C 176 5.30 28.97 5.59
C GLU C 176 5.71 29.12 4.12
N SER C 177 5.29 28.19 3.23
CA SER C 177 5.67 28.24 1.81
C SER C 177 4.95 29.37 1.05
N GLY C 178 3.73 29.68 1.46
CA GLY C 178 2.95 30.72 0.79
C GLY C 178 2.87 32.07 1.47
N LYS C 179 3.68 32.30 2.55
CA LYS C 179 3.69 33.51 3.36
C LYS C 179 3.81 34.82 2.53
N SER C 180 4.69 34.85 1.50
CA SER C 180 4.90 36.01 0.62
C SER C 180 3.61 36.41 -0.09
N GLU C 181 2.81 35.41 -0.52
CA GLU C 181 1.51 35.60 -1.18
C GLU C 181 0.41 35.84 -0.15
N LEU C 182 0.58 35.33 1.09
CA LEU C 182 -0.41 35.50 2.15
C LEU C 182 -0.38 36.91 2.75
N LYS C 183 0.70 37.68 2.55
CA LYS C 183 0.79 39.04 3.09
C LYS C 183 0.31 40.09 2.03
N LYS C 184 -0.21 39.61 0.87
CA LYS C 184 -0.74 40.45 -0.22
C LYS C 184 -1.88 41.34 0.28
N GLN C 185 -1.87 42.61 -0.16
CA GLN C 185 -2.89 43.63 0.16
C GLN C 185 -3.35 44.31 -1.13
N VAL C 186 -4.67 44.42 -1.32
CA VAL C 186 -5.28 45.06 -2.49
C VAL C 186 -6.30 46.08 -2.00
N LYS C 187 -5.98 47.38 -2.17
CA LYS C 187 -6.82 48.51 -1.72
C LYS C 187 -8.17 48.56 -2.45
N PRO C 188 -9.29 48.69 -1.70
CA PRO C 188 -10.60 48.80 -2.36
C PRO C 188 -10.93 50.19 -2.85
N LYS C 189 -11.91 50.28 -3.76
CA LYS C 189 -12.45 51.53 -4.27
C LYS C 189 -13.80 51.70 -3.61
N ALA C 190 -14.07 52.88 -3.03
CA ALA C 190 -15.34 53.13 -2.34
C ALA C 190 -16.06 54.36 -2.85
N TRP C 191 -17.41 54.28 -2.89
CA TRP C 191 -18.27 55.37 -3.32
C TRP C 191 -19.66 55.25 -2.70
N LEU C 192 -20.35 56.38 -2.59
CA LEU C 192 -21.70 56.47 -2.05
C LEU C 192 -22.73 56.59 -3.17
N SER C 193 -23.93 56.07 -2.91
CA SER C 193 -25.04 56.10 -3.85
C SER C 193 -26.38 56.08 -3.10
N ARG C 194 -27.46 56.45 -3.81
CA ARG C 194 -28.81 56.41 -3.29
C ARG C 194 -29.53 55.23 -3.95
N GLY C 195 -29.88 54.23 -3.16
CA GLY C 195 -30.59 53.05 -3.63
C GLY C 195 -32.08 53.27 -3.70
N PRO C 196 -32.89 52.23 -4.02
CA PRO C 196 -34.36 52.41 -4.11
C PRO C 196 -34.98 52.97 -2.84
N SER C 197 -36.12 53.68 -2.97
CA SER C 197 -36.82 54.24 -1.82
C SER C 197 -37.46 53.09 -1.02
N PRO C 198 -37.05 52.89 0.26
CA PRO C 198 -37.61 51.76 1.04
C PRO C 198 -39.02 52.05 1.57
N GLY C 199 -39.31 53.35 1.73
CA GLY C 199 -40.58 53.87 2.22
C GLY C 199 -40.91 55.20 1.56
N PRO C 200 -42.08 55.80 1.88
CA PRO C 200 -42.44 57.07 1.22
C PRO C 200 -41.58 58.27 1.66
N GLY C 201 -41.43 58.48 2.97
CA GLY C 201 -40.65 59.59 3.51
C GLY C 201 -39.24 59.22 3.90
N ARG C 202 -38.80 58.03 3.46
CA ARG C 202 -37.48 57.48 3.77
C ARG C 202 -36.65 57.28 2.49
N LEU C 203 -35.32 57.20 2.63
CA LEU C 203 -34.35 56.95 1.55
C LEU C 203 -33.33 55.89 1.96
N LEU C 204 -32.65 55.30 0.97
CA LEU C 204 -31.65 54.27 1.18
C LEU C 204 -30.25 54.78 0.83
N LEU C 205 -29.36 54.72 1.82
CA LEU C 205 -27.94 55.07 1.70
C LEU C 205 -27.17 53.81 1.37
N VAL C 206 -26.36 53.83 0.32
CA VAL C 206 -25.59 52.67 -0.10
C VAL C 206 -24.10 53.03 -0.13
N CYS C 207 -23.28 52.25 0.55
CA CYS C 207 -21.82 52.42 0.55
C CYS C 207 -21.23 51.20 -0.10
N HIS C 208 -20.56 51.37 -1.24
CA HIS C 208 -19.94 50.27 -1.97
C HIS C 208 -18.46 50.26 -1.72
N VAL C 209 -17.91 49.07 -1.48
CA VAL C 209 -16.50 48.82 -1.25
C VAL C 209 -16.13 47.73 -2.28
N SER C 210 -15.29 48.07 -3.27
CA SER C 210 -14.96 47.16 -4.38
C SER C 210 -13.46 46.84 -4.58
N GLY C 211 -13.16 45.55 -4.75
CA GLY C 211 -11.83 45.05 -5.07
C GLY C 211 -10.85 44.89 -3.93
N PHE C 212 -11.35 44.57 -2.72
CA PHE C 212 -10.48 44.40 -1.57
C PHE C 212 -10.06 42.96 -1.42
N TYR C 213 -8.83 42.77 -0.91
CA TYR C 213 -8.19 41.52 -0.54
C TYR C 213 -7.19 41.80 0.61
N PRO C 214 -7.15 40.97 1.69
CA PRO C 214 -8.00 39.80 1.98
C PRO C 214 -9.47 40.15 2.31
N LYS C 215 -10.28 39.13 2.63
CA LYS C 215 -11.70 39.24 2.94
C LYS C 215 -12.04 40.01 4.25
N PRO C 216 -11.26 39.96 5.39
CA PRO C 216 -11.69 40.72 6.60
C PRO C 216 -11.88 42.20 6.29
N VAL C 217 -13.06 42.73 6.60
CA VAL C 217 -13.46 44.10 6.33
C VAL C 217 -14.46 44.58 7.40
N TRP C 218 -14.57 45.92 7.54
CA TRP C 218 -15.47 46.60 8.45
C TRP C 218 -16.08 47.80 7.71
N VAL C 219 -17.42 47.83 7.64
CA VAL C 219 -18.16 48.90 6.97
C VAL C 219 -19.34 49.30 7.86
N LYS C 220 -19.39 50.57 8.28
CA LYS C 220 -20.47 51.05 9.13
C LYS C 220 -20.91 52.42 8.74
N TRP C 221 -22.23 52.66 8.78
CA TRP C 221 -22.78 53.99 8.55
C TRP C 221 -22.63 54.73 9.87
N MET C 222 -22.12 55.96 9.81
CA MET C 222 -21.79 56.76 10.99
C MET C 222 -22.40 58.13 10.97
N ARG C 223 -22.54 58.72 12.17
CA ARG C 223 -22.91 60.11 12.42
C ARG C 223 -21.71 60.65 13.21
N GLY C 224 -20.66 60.98 12.47
CA GLY C 224 -19.39 61.40 13.05
C GLY C 224 -18.67 60.21 13.61
N GLU C 225 -18.77 59.99 14.94
CA GLU C 225 -18.14 58.86 15.63
C GLU C 225 -19.17 57.88 16.19
N GLN C 226 -20.47 58.23 16.12
CA GLN C 226 -21.54 57.36 16.62
C GLN C 226 -21.89 56.33 15.55
N GLU C 227 -21.64 55.04 15.87
CA GLU C 227 -21.92 53.91 15.00
C GLU C 227 -23.42 53.75 14.90
N GLN C 228 -23.95 53.89 13.68
CA GLN C 228 -25.38 53.81 13.45
C GLN C 228 -25.82 52.37 13.27
N GLN C 229 -26.26 51.75 14.39
CA GLN C 229 -26.77 50.37 14.39
C GLN C 229 -28.06 50.40 13.57
N GLY C 230 -28.06 49.60 12.51
CA GLY C 230 -29.12 49.56 11.52
C GLY C 230 -28.53 49.52 10.12
N THR C 231 -27.20 49.33 10.05
CA THR C 231 -26.44 49.18 8.82
C THR C 231 -26.72 47.77 8.30
N GLN C 232 -27.12 47.65 7.02
CA GLN C 232 -27.40 46.35 6.41
C GLN C 232 -26.17 45.98 5.54
N PRO C 233 -25.26 45.13 6.07
CA PRO C 233 -24.02 44.83 5.33
C PRO C 233 -24.14 43.94 4.10
N GLY C 234 -25.18 43.11 4.01
CA GLY C 234 -25.34 42.19 2.89
C GLY C 234 -24.20 41.19 2.73
N ASP C 235 -24.17 40.48 1.59
CA ASP C 235 -23.14 39.46 1.33
C ASP C 235 -21.82 40.05 0.81
N ILE C 236 -20.71 39.39 1.14
CA ILE C 236 -19.40 39.73 0.59
C ILE C 236 -19.33 38.92 -0.70
N LEU C 237 -19.43 39.60 -1.86
CA LEU C 237 -19.51 38.92 -3.15
C LEU C 237 -18.12 38.72 -3.79
N PRO C 238 -17.86 37.55 -4.45
CA PRO C 238 -16.51 37.33 -5.01
C PRO C 238 -16.28 37.89 -6.42
N ASN C 239 -14.99 38.13 -6.70
CA ASN C 239 -14.48 38.55 -7.99
C ASN C 239 -13.54 37.47 -8.48
N ALA C 240 -13.43 37.31 -9.80
CA ALA C 240 -12.58 36.26 -10.41
C ALA C 240 -11.10 36.37 -10.00
N ASP C 241 -10.58 37.61 -9.81
CA ASP C 241 -9.19 37.88 -9.43
C ASP C 241 -8.89 37.61 -7.93
N GLU C 242 -9.86 37.03 -7.18
CA GLU C 242 -9.82 36.69 -5.73
C GLU C 242 -10.06 37.95 -4.82
N THR C 243 -10.51 39.09 -5.40
CA THR C 243 -10.86 40.28 -4.62
C THR C 243 -12.35 40.18 -4.27
N TRP C 244 -12.86 41.05 -3.37
CA TRP C 244 -14.24 41.01 -2.90
C TRP C 244 -15.01 42.29 -3.16
N TYR C 245 -16.34 42.20 -3.06
CA TYR C 245 -17.27 43.32 -3.20
C TYR C 245 -18.27 43.30 -2.06
N LEU C 246 -18.57 44.47 -1.50
CA LEU C 246 -19.52 44.61 -0.39
C LEU C 246 -20.29 45.90 -0.51
N ARG C 247 -21.62 45.82 -0.28
CA ARG C 247 -22.53 46.95 -0.20
C ARG C 247 -23.08 47.04 1.21
N ALA C 248 -23.07 48.23 1.82
CA ALA C 248 -23.64 48.42 3.15
C ALA C 248 -24.66 49.49 3.05
N THR C 249 -25.91 49.18 3.41
CA THR C 249 -27.01 50.14 3.26
C THR C 249 -27.56 50.62 4.60
N LEU C 250 -28.36 51.68 4.58
CA LEU C 250 -28.96 52.27 5.77
C LEU C 250 -30.29 52.92 5.42
N ASP C 251 -31.38 52.49 6.09
CA ASP C 251 -32.72 53.03 5.90
C ASP C 251 -32.90 54.24 6.81
N VAL C 252 -33.01 55.44 6.21
CA VAL C 252 -33.12 56.70 6.95
C VAL C 252 -34.29 57.56 6.44
N VAL C 253 -35.10 58.12 7.36
CA VAL C 253 -36.18 59.03 7.02
C VAL C 253 -35.56 60.36 6.57
N ALA C 254 -36.05 60.91 5.45
CA ALA C 254 -35.56 62.15 4.81
C ALA C 254 -35.34 63.28 5.82
N GLY C 255 -34.10 63.76 5.88
CA GLY C 255 -33.68 64.83 6.78
C GLY C 255 -32.57 64.38 7.71
N GLU C 256 -32.68 63.15 8.21
CA GLU C 256 -31.70 62.56 9.11
C GLU C 256 -30.46 62.05 8.33
N ALA C 257 -30.46 62.20 6.99
CA ALA C 257 -29.34 61.78 6.12
C ALA C 257 -28.13 62.72 6.26
N ALA C 258 -28.37 64.00 6.60
CA ALA C 258 -27.34 65.03 6.78
C ALA C 258 -26.46 64.71 7.99
N GLY C 259 -25.16 64.94 7.84
CA GLY C 259 -24.18 64.67 8.89
C GLY C 259 -23.77 63.20 8.97
N LEU C 260 -24.23 62.37 7.99
CA LEU C 260 -23.90 60.94 7.95
C LEU C 260 -22.68 60.66 7.08
N SER C 261 -21.94 59.63 7.45
CA SER C 261 -20.76 59.21 6.73
C SER C 261 -20.66 57.70 6.74
N CYS C 262 -19.80 57.17 5.87
CA CYS C 262 -19.54 55.75 5.87
C CYS C 262 -18.05 55.51 6.06
N ARG C 263 -17.71 54.77 7.13
CA ARG C 263 -16.36 54.43 7.57
C ARG C 263 -16.01 53.00 7.13
N VAL C 264 -14.90 52.87 6.38
CA VAL C 264 -14.40 51.60 5.90
C VAL C 264 -13.06 51.32 6.57
N LYS C 265 -12.96 50.14 7.19
CA LYS C 265 -11.75 49.68 7.83
C LYS C 265 -11.28 48.43 7.10
N HIS C 266 -10.04 48.49 6.59
CA HIS C 266 -9.42 47.38 5.88
C HIS C 266 -7.90 47.44 6.06
N SER C 267 -7.27 46.28 6.13
CA SER C 267 -5.82 46.08 6.31
C SER C 267 -4.95 46.80 5.28
N SER C 268 -5.41 46.91 4.00
CA SER C 268 -4.64 47.56 2.92
C SER C 268 -4.56 49.07 3.13
N LEU C 269 -5.55 49.65 3.84
CA LEU C 269 -5.65 51.07 4.15
C LEU C 269 -4.60 51.53 5.19
N GLU C 270 -3.91 50.58 5.83
CA GLU C 270 -2.85 50.82 6.81
C GLU C 270 -3.22 51.90 7.84
N GLY C 271 -4.42 51.77 8.39
CA GLY C 271 -4.95 52.67 9.41
C GLY C 271 -5.70 53.88 8.91
N GLN C 272 -5.47 54.27 7.65
CA GLN C 272 -6.12 55.40 6.97
C GLN C 272 -7.48 54.96 6.44
N ASP C 273 -8.49 54.93 7.32
CA ASP C 273 -9.87 54.56 6.98
C ASP C 273 -10.46 55.41 5.88
N ILE C 274 -11.27 54.79 4.99
CA ILE C 274 -12.02 55.51 3.95
C ILE C 274 -13.27 56.07 4.64
N VAL C 275 -13.45 57.41 4.59
CA VAL C 275 -14.60 58.09 5.19
C VAL C 275 -15.26 58.93 4.10
N LEU C 276 -16.48 58.53 3.72
CA LEU C 276 -17.30 59.18 2.71
C LEU C 276 -18.52 59.81 3.35
N TYR C 277 -18.67 61.12 3.17
CA TYR C 277 -19.78 61.89 3.72
C TYR C 277 -20.87 61.97 2.68
N TRP C 278 -22.13 61.77 3.10
CA TRP C 278 -23.26 61.80 2.18
C TRP C 278 -23.60 63.25 1.77
N GLN D 2 -34.92 21.37 -2.54
CA GLN D 2 -35.11 21.91 -1.19
C GLN D 2 -34.72 23.41 -1.11
N ARG D 3 -33.42 23.73 -1.37
CA ARG D 3 -32.83 25.06 -1.30
C ARG D 3 -32.84 25.77 -2.66
N THR D 4 -33.53 26.93 -2.74
CA THR D 4 -33.68 27.72 -3.97
C THR D 4 -32.47 28.70 -4.16
N PRO D 5 -31.97 28.85 -5.41
CA PRO D 5 -30.78 29.68 -5.63
C PRO D 5 -30.98 31.19 -5.52
N LYS D 6 -30.01 31.85 -4.87
CA LYS D 6 -29.95 33.30 -4.74
C LYS D 6 -29.09 33.78 -5.91
N ILE D 7 -29.62 34.69 -6.74
CA ILE D 7 -28.90 35.19 -7.91
C ILE D 7 -28.61 36.67 -7.71
N GLN D 8 -27.34 37.04 -7.86
CA GLN D 8 -26.85 38.42 -7.74
C GLN D 8 -25.92 38.73 -8.92
N VAL D 9 -26.28 39.75 -9.71
CA VAL D 9 -25.51 40.16 -10.90
C VAL D 9 -24.83 41.49 -10.59
N TYR D 10 -23.51 41.56 -10.85
CA TYR D 10 -22.68 42.74 -10.58
C TYR D 10 -21.42 42.74 -11.46
N SER D 11 -20.73 43.89 -11.55
CA SER D 11 -19.51 44.06 -12.33
C SER D 11 -18.31 44.29 -11.41
N ARG D 12 -17.10 43.88 -11.86
CA ARG D 12 -15.83 44.01 -11.13
C ARG D 12 -15.49 45.47 -10.83
N HIS D 13 -15.65 46.34 -11.85
CA HIS D 13 -15.35 47.77 -11.78
C HIS D 13 -16.60 48.60 -12.10
N PRO D 14 -16.65 49.94 -11.77
CA PRO D 14 -17.85 50.73 -12.13
C PRO D 14 -18.12 50.74 -13.65
N ALA D 15 -19.40 50.74 -14.04
CA ALA D 15 -19.86 50.72 -15.43
C ALA D 15 -19.49 52.00 -16.19
N GLU D 16 -18.84 51.83 -17.35
CA GLU D 16 -18.39 52.89 -18.26
C GLU D 16 -18.55 52.42 -19.70
N ASN D 17 -19.13 53.28 -20.56
CA ASN D 17 -19.42 53.00 -21.97
C ASN D 17 -18.17 52.59 -22.78
N GLY D 18 -17.14 53.42 -22.76
CA GLY D 18 -15.90 53.16 -23.49
C GLY D 18 -14.81 52.55 -22.65
N LYS D 19 -15.10 51.40 -21.99
CA LYS D 19 -14.15 50.70 -21.13
C LYS D 19 -14.47 49.20 -20.99
N SER D 20 -13.42 48.36 -20.87
CA SER D 20 -13.54 46.91 -20.69
C SER D 20 -13.79 46.56 -19.23
N ASN D 21 -14.72 45.62 -18.99
CA ASN D 21 -15.12 45.17 -17.65
C ASN D 21 -15.41 43.66 -17.63
N PHE D 22 -15.83 43.12 -16.47
CA PHE D 22 -16.21 41.72 -16.30
C PHE D 22 -17.58 41.64 -15.66
N LEU D 23 -18.50 40.85 -16.26
CA LEU D 23 -19.85 40.66 -15.77
C LEU D 23 -19.91 39.44 -14.86
N ASN D 24 -20.04 39.66 -13.55
CA ASN D 24 -20.09 38.59 -12.56
C ASN D 24 -21.54 38.22 -12.24
N CYS D 25 -21.74 36.96 -11.81
CA CYS D 25 -23.03 36.45 -11.38
C CYS D 25 -22.80 35.40 -10.31
N TYR D 26 -23.10 35.77 -9.07
CA TYR D 26 -22.93 34.90 -7.93
C TYR D 26 -24.26 34.19 -7.62
N VAL D 27 -24.26 32.89 -7.87
CA VAL D 27 -25.39 31.99 -7.63
C VAL D 27 -25.01 31.17 -6.39
N SER D 28 -25.80 31.28 -5.32
CA SER D 28 -25.53 30.60 -4.05
C SER D 28 -26.82 30.12 -3.35
N GLY D 29 -26.63 29.43 -2.23
CA GLY D 29 -27.67 28.94 -1.35
C GLY D 29 -28.56 27.86 -1.92
N PHE D 30 -28.12 27.23 -3.04
CA PHE D 30 -28.88 26.19 -3.72
C PHE D 30 -28.41 24.76 -3.38
N HIS D 31 -29.32 23.79 -3.55
CA HIS D 31 -29.14 22.36 -3.34
C HIS D 31 -30.23 21.61 -4.13
N PRO D 32 -29.93 20.56 -4.95
CA PRO D 32 -28.64 19.87 -5.15
C PRO D 32 -27.65 20.62 -6.08
N SER D 33 -26.51 19.94 -6.38
CA SER D 33 -25.37 20.41 -7.18
C SER D 33 -25.74 20.78 -8.60
N ASP D 34 -26.60 19.98 -9.26
CA ASP D 34 -27.05 20.18 -10.63
C ASP D 34 -27.71 21.56 -10.75
N ILE D 35 -27.14 22.41 -11.62
CA ILE D 35 -27.59 23.78 -11.86
C ILE D 35 -27.22 24.19 -13.28
N GLU D 36 -28.06 25.01 -13.92
CA GLU D 36 -27.84 25.54 -15.26
C GLU D 36 -27.66 27.05 -15.17
N VAL D 37 -26.51 27.58 -15.64
CA VAL D 37 -26.25 29.01 -15.61
C VAL D 37 -25.54 29.46 -16.88
N ASP D 38 -25.97 30.63 -17.37
CA ASP D 38 -25.46 31.29 -18.57
C ASP D 38 -25.72 32.80 -18.49
N LEU D 39 -24.74 33.60 -18.91
CA LEU D 39 -24.85 35.06 -18.94
C LEU D 39 -25.47 35.48 -20.26
N LEU D 40 -26.58 36.24 -20.19
CA LEU D 40 -27.29 36.71 -21.38
C LEU D 40 -26.99 38.18 -21.63
N LYS D 41 -26.83 38.55 -22.91
CA LYS D 41 -26.54 39.91 -23.32
C LYS D 41 -27.44 40.31 -24.48
N ASN D 42 -28.36 41.28 -24.25
CA ASN D 42 -29.28 41.82 -25.25
C ASN D 42 -30.26 40.76 -25.77
N GLY D 43 -30.36 39.66 -25.02
CA GLY D 43 -31.24 38.54 -25.32
C GLY D 43 -30.52 37.21 -25.40
N GLU D 44 -29.57 37.10 -26.36
CA GLU D 44 -28.78 35.90 -26.63
C GLU D 44 -27.78 35.60 -25.51
N ARG D 45 -27.46 34.30 -25.31
CA ARG D 45 -26.53 33.79 -24.30
C ARG D 45 -25.07 33.91 -24.76
N ILE D 46 -24.14 34.06 -23.79
CA ILE D 46 -22.70 34.16 -24.04
C ILE D 46 -22.06 32.75 -23.95
N GLU D 47 -21.52 32.26 -25.09
CA GLU D 47 -20.90 30.94 -25.23
C GLU D 47 -19.58 30.85 -24.45
N LYS D 48 -18.72 31.88 -24.54
CA LYS D 48 -17.46 31.93 -23.82
C LYS D 48 -17.69 32.59 -22.46
N VAL D 49 -18.27 31.82 -21.53
CA VAL D 49 -18.57 32.28 -20.18
C VAL D 49 -17.88 31.37 -19.17
N GLU D 50 -16.79 31.88 -18.55
CA GLU D 50 -15.98 31.17 -17.55
C GLU D 50 -16.76 31.05 -16.23
N HIS D 51 -16.40 30.06 -15.39
CA HIS D 51 -17.04 29.77 -14.11
C HIS D 51 -16.03 29.26 -13.08
N SER D 52 -16.37 29.34 -11.78
CA SER D 52 -15.50 28.85 -10.71
C SER D 52 -15.80 27.37 -10.39
N ASP D 53 -14.88 26.71 -9.64
CA ASP D 53 -15.06 25.32 -9.23
C ASP D 53 -16.19 25.25 -8.19
N LEU D 54 -17.17 24.34 -8.43
CA LEU D 54 -18.33 24.13 -7.57
C LEU D 54 -17.88 23.91 -6.13
N SER D 55 -18.41 24.74 -5.24
CA SER D 55 -18.11 24.71 -3.82
C SER D 55 -19.40 24.79 -3.02
N PHE D 56 -19.29 24.70 -1.69
CA PHE D 56 -20.44 24.78 -0.80
C PHE D 56 -20.08 25.48 0.51
N SER D 57 -21.09 26.11 1.13
CA SER D 57 -20.98 26.82 2.40
C SER D 57 -21.12 25.85 3.57
N LYS D 58 -20.97 26.36 4.82
CA LYS D 58 -21.07 25.59 6.07
C LYS D 58 -22.43 24.89 6.20
N ASP D 59 -23.53 25.54 5.74
CA ASP D 59 -24.90 25.02 5.79
C ASP D 59 -25.16 23.93 4.72
N TRP D 60 -24.09 23.56 3.97
CA TRP D 60 -24.03 22.54 2.90
C TRP D 60 -24.60 23.01 1.55
N SER D 61 -25.09 24.24 1.47
CA SER D 61 -25.66 24.77 0.22
C SER D 61 -24.51 25.17 -0.71
N PHE D 62 -24.73 25.02 -2.03
CA PHE D 62 -23.71 25.29 -3.04
C PHE D 62 -23.65 26.75 -3.49
N TYR D 63 -22.52 27.12 -4.13
CA TYR D 63 -22.27 28.46 -4.68
C TYR D 63 -21.29 28.39 -5.86
N LEU D 64 -21.42 29.32 -6.82
CA LEU D 64 -20.62 29.40 -8.03
C LEU D 64 -20.51 30.84 -8.52
N LEU D 65 -19.35 31.20 -9.11
CA LEU D 65 -19.17 32.51 -9.72
C LEU D 65 -18.92 32.37 -11.22
N TYR D 66 -19.91 32.83 -12.02
CA TYR D 66 -19.85 32.86 -13.48
C TYR D 66 -19.40 34.24 -13.90
N TYR D 67 -18.35 34.32 -14.75
CA TYR D 67 -17.79 35.58 -15.22
C TYR D 67 -17.36 35.55 -16.69
N THR D 68 -17.41 36.72 -17.35
CA THR D 68 -17.04 36.90 -18.76
C THR D 68 -16.62 38.38 -19.02
N GLU D 69 -15.51 38.57 -19.78
CA GLU D 69 -14.99 39.89 -20.17
C GLU D 69 -15.95 40.56 -21.15
N PHE D 70 -16.33 41.83 -20.90
CA PHE D 70 -17.27 42.57 -21.74
C PHE D 70 -17.03 44.09 -21.71
N THR D 71 -17.78 44.83 -22.55
CA THR D 71 -17.78 46.30 -22.66
C THR D 71 -19.23 46.77 -22.50
N PRO D 72 -19.59 47.52 -21.43
CA PRO D 72 -20.98 47.94 -21.24
C PRO D 72 -21.48 48.92 -22.30
N THR D 73 -22.12 48.37 -23.36
CA THR D 73 -22.70 49.15 -24.46
C THR D 73 -23.99 49.80 -23.97
N GLU D 74 -24.24 51.04 -24.41
CA GLU D 74 -25.41 51.84 -24.04
C GLU D 74 -26.75 51.20 -24.45
N LYS D 75 -26.77 50.44 -25.56
CA LYS D 75 -27.97 49.78 -26.07
C LYS D 75 -28.11 48.33 -25.58
N ASP D 76 -26.97 47.69 -25.22
CA ASP D 76 -26.97 46.30 -24.76
C ASP D 76 -27.41 46.18 -23.29
N GLU D 77 -28.50 45.42 -23.05
CA GLU D 77 -29.08 45.16 -21.73
C GLU D 77 -28.60 43.79 -21.24
N TYR D 78 -27.97 43.75 -20.05
CA TYR D 78 -27.40 42.52 -19.48
C TYR D 78 -28.21 41.98 -18.32
N ALA D 79 -28.26 40.65 -18.23
CA ALA D 79 -28.96 39.88 -17.20
C ALA D 79 -28.38 38.47 -17.11
N CYS D 80 -28.81 37.66 -16.13
CA CYS D 80 -28.33 36.28 -15.99
C CYS D 80 -29.50 35.34 -15.73
N ARG D 81 -29.53 34.22 -16.48
CA ARG D 81 -30.59 33.21 -16.39
C ARG D 81 -30.11 31.95 -15.69
N VAL D 82 -30.92 31.48 -14.71
CA VAL D 82 -30.65 30.27 -13.94
C VAL D 82 -31.84 29.31 -13.96
N ASN D 83 -31.55 28.02 -14.20
CA ASN D 83 -32.54 26.95 -14.19
C ASN D 83 -32.16 25.97 -13.09
N HIS D 84 -33.10 25.66 -12.18
CA HIS D 84 -32.91 24.75 -11.05
C HIS D 84 -34.17 23.92 -10.80
N VAL D 85 -34.03 22.79 -10.06
CA VAL D 85 -35.13 21.88 -9.70
C VAL D 85 -36.21 22.59 -8.86
N THR D 86 -35.81 23.57 -8.02
CA THR D 86 -36.71 24.33 -7.15
C THR D 86 -37.57 25.35 -7.92
N LEU D 87 -37.15 25.72 -9.16
CA LEU D 87 -37.82 26.73 -10.00
C LEU D 87 -38.81 26.11 -10.99
N SER D 88 -40.02 26.72 -11.08
CA SER D 88 -41.10 26.32 -11.99
C SER D 88 -40.76 26.69 -13.44
N GLN D 89 -39.96 27.75 -13.61
CA GLN D 89 -39.45 28.29 -14.87
C GLN D 89 -38.04 28.88 -14.64
N PRO D 90 -37.14 28.95 -15.67
CA PRO D 90 -35.81 29.50 -15.42
C PRO D 90 -35.86 30.97 -15.01
N LYS D 91 -35.29 31.29 -13.82
CA LYS D 91 -35.26 32.64 -13.26
C LYS D 91 -34.25 33.52 -13.99
N ILE D 92 -34.67 34.75 -14.31
CA ILE D 92 -33.87 35.76 -14.99
C ILE D 92 -33.75 36.98 -14.11
N VAL D 93 -32.53 37.30 -13.64
CA VAL D 93 -32.27 38.45 -12.78
C VAL D 93 -31.55 39.52 -13.61
N LYS D 94 -32.19 40.69 -13.76
CA LYS D 94 -31.67 41.81 -14.53
C LYS D 94 -30.60 42.52 -13.72
N TRP D 95 -29.48 42.85 -14.38
CA TRP D 95 -28.37 43.56 -13.78
C TRP D 95 -28.71 45.05 -13.64
N ASP D 96 -28.62 45.56 -12.39
CA ASP D 96 -28.89 46.96 -12.02
C ASP D 96 -27.57 47.69 -11.67
N ARG D 97 -27.23 48.74 -12.45
CA ARG D 97 -26.01 49.54 -12.28
C ARG D 97 -26.18 50.53 -11.14
#